data_9BG8
#
_entry.id   9BG8
#
_cell.length_a   66.010
_cell.length_b   84.100
_cell.length_c   127.420
_cell.angle_alpha   90.000
_cell.angle_beta   90.000
_cell.angle_gamma   90.000
#
_symmetry.space_group_name_H-M   'P 21 21 21'
#
loop_
_entity.id
_entity.type
_entity.pdbx_description
1 polymer 'GTPase NRas'
2 polymer 'Peptidyl-prolyl cis-trans isomerase A'
3 non-polymer 'PHOSPHOAMINOPHOSPHONIC ACID-GUANYLATE ESTER'
4 non-polymer 'MAGNESIUM ION'
5 non-polymer 2-[BIS-(2-HYDROXY-ETHYL)-AMINO]-2-HYDROXYMETHYL-PROPANE-1,3-DIOL
6 non-polymer (1R,2S)-N-[(1P,7S,9S,13R,20M)-21-ethyl-20-{2-[(1R)-1-methoxyethyl]-5-(4-methylpiperazin-1-yl)pyridin-3-yl}-17,17-dimethyl-8,14-dioxo-15-oxa-4-thia-9,21,27,28-tetraazapentacyclo[17.5.2.1~2,5~.1~9,13~.0~22,26~]octacosa-1(24),2,5(28),19,22,25-hexaen-7-yl]-2-methylcyclopropane-1-carboxamide
7 water water
#
loop_
_entity_poly.entity_id
_entity_poly.type
_entity_poly.pdbx_seq_one_letter_code
_entity_poly.pdbx_strand_id
1 'polypeptide(L)'
;SMTEYKLVVVGAGGVGKSALTIQLIQNHFVDEYDPTIEDSYRKQVVIDGETCLLDILDTAGREEYSAMRDQYMRTGEGFL
CVFAINNSKSFADINLYREQIKRVKDSDDVPMVLVGNKCDLPTRTVDTKQAHELAKSYGIPFIETSAKTRQGVEDAFYTL
VREIRQYRMK
;
A,B
2 'polypeptide(L)'
;SMVNPTVFFDIAVDGEPLGRVSFELFADKVPKTAENFRALSTGEKGFGYKGSCFHRIIPGFMCQGGDFTRHNGTGGKSIY
GEKFEDENFILKHTGPGILSMANAGPNTNGSQFFICTAKTEWLDGKHVVFGKVKEGMNIVEAMERFGSRNGKTSKKITIA
DCGQLE
;
C,D
#
loop_
_chem_comp.id
_chem_comp.type
_chem_comp.name
_chem_comp.formula
A1AHB non-polymer (1R,2S)-N-[(1P,7S,9S,13R,20M)-21-ethyl-20-{2-[(1R)-1-methoxyethyl]-5-(4-methylpiperazin-1-yl)pyridin-3-yl}-17,17-dimethyl-8,14-dioxo-15-oxa-4-thia-9,21,27,28-tetraazapentacyclo[17.5.2.1~2,5~.1~9,13~.0~22,26~]octacosa-1(24),2,5(28),19,22,25-hexaen-7-yl]-2-methylcyclopropane-1-carboxamide 'C44 H58 N8 O5 S'
BTB non-polymer 2-[BIS-(2-HYDROXY-ETHYL)-AMINO]-2-HYDROXYMETHYL-PROPANE-1,3-DIOL 'C8 H19 N O5'
GNP non-polymer 'PHOSPHOAMINOPHOSPHONIC ACID-GUANYLATE ESTER' 'C10 H17 N6 O13 P3'
MG non-polymer 'MAGNESIUM ION' 'Mg 2'
#
# COMPACT_ATOMS: atom_id res chain seq x y z
N MET A 2 11.49 16.38 47.92
CA MET A 2 11.12 15.36 46.95
C MET A 2 12.14 15.25 45.82
N THR A 3 12.62 14.04 45.54
CA THR A 3 13.68 13.85 44.56
C THR A 3 13.17 13.99 43.13
N GLU A 4 13.92 14.71 42.30
CA GLU A 4 13.57 14.90 40.90
C GLU A 4 14.40 13.97 40.02
N TYR A 5 13.75 13.43 38.98
CA TYR A 5 14.39 12.54 38.02
C TYR A 5 14.13 13.07 36.61
N LYS A 6 15.20 13.29 35.84
CA LYS A 6 15.10 13.80 34.48
C LYS A 6 15.16 12.62 33.50
N LEU A 7 14.00 12.24 32.99
CA LEU A 7 13.85 11.11 32.08
C LEU A 7 13.70 11.65 30.66
N VAL A 8 14.29 10.95 29.70
CA VAL A 8 14.18 11.32 28.29
C VAL A 8 13.75 10.10 27.51
N VAL A 9 12.73 10.25 26.67
CA VAL A 9 12.19 9.15 25.88
C VAL A 9 12.74 9.30 24.47
N VAL A 10 13.47 8.28 24.00
CA VAL A 10 14.12 8.32 22.69
C VAL A 10 13.81 7.06 21.90
N GLY A 11 14.04 7.13 20.59
CA GLY A 11 13.81 6.01 19.70
C GLY A 11 13.30 6.47 18.34
N ALA A 12 13.24 5.56 17.38
CA ALA A 12 12.91 5.91 16.01
C ALA A 12 11.50 6.49 15.91
N GLY A 13 11.28 7.24 14.83
CA GLY A 13 9.96 7.81 14.59
C GLY A 13 8.89 6.75 14.54
N GLY A 14 7.76 7.01 15.23
CA GLY A 14 6.59 6.18 15.12
C GLY A 14 6.53 5.00 16.05
N VAL A 15 7.53 4.82 16.93
CA VAL A 15 7.54 3.65 17.81
C VAL A 15 6.56 3.78 18.97
N GLY A 16 6.10 4.98 19.28
CA GLY A 16 5.18 5.19 20.36
C GLY A 16 5.72 5.96 21.56
N LYS A 17 6.77 6.76 21.39
CA LYS A 17 7.31 7.53 22.50
C LYS A 17 6.26 8.44 23.11
N SER A 18 5.56 9.20 22.26
CA SER A 18 4.55 10.13 22.75
C SER A 18 3.36 9.39 23.32
N ALA A 19 2.93 8.32 22.66
CA ALA A 19 1.81 7.55 23.18
C ALA A 19 2.11 7.04 24.58
N LEU A 20 3.33 6.56 24.80
CA LEU A 20 3.71 6.11 26.14
C LEU A 20 3.67 7.26 27.13
N THR A 21 4.25 8.40 26.74
CA THR A 21 4.35 9.53 27.65
C THR A 21 2.97 10.11 27.95
N ILE A 22 2.13 10.26 26.93
CA ILE A 22 0.79 10.80 27.13
CA ILE A 22 0.80 10.80 27.14
C ILE A 22 -0.05 9.84 27.97
N GLN A 23 0.14 8.53 27.80
CA GLN A 23 -0.56 7.61 28.68
C GLN A 23 -0.17 7.83 30.12
N LEU A 24 1.13 7.98 30.37
CA LEU A 24 1.58 8.22 31.74
C LEU A 24 1.01 9.54 32.27
N ILE A 25 1.07 10.61 31.46
CA ILE A 25 0.73 11.94 31.95
C ILE A 25 -0.77 12.18 31.96
N GLN A 26 -1.47 11.77 30.91
CA GLN A 26 -2.86 12.13 30.68
C GLN A 26 -3.81 10.95 30.72
N ASN A 27 -3.29 9.72 30.81
CA ASN A 27 -4.12 8.52 30.96
C ASN A 27 -5.10 8.32 29.80
N HIS A 28 -4.63 8.59 28.58
CA HIS A 28 -5.43 8.27 27.40
C HIS A 28 -4.51 8.06 26.22
N PHE A 29 -5.09 7.56 25.13
CA PHE A 29 -4.37 7.18 23.92
C PHE A 29 -5.15 7.71 22.72
N VAL A 30 -4.46 8.35 21.79
CA VAL A 30 -5.08 8.86 20.57
C VAL A 30 -4.40 8.20 19.38
N ASP A 31 -5.21 7.62 18.49
CA ASP A 31 -4.69 6.89 17.34
C ASP A 31 -4.59 7.83 16.15
N GLU A 32 -3.60 8.72 16.22
CA GLU A 32 -3.38 9.73 15.21
C GLU A 32 -1.89 9.84 14.93
N TYR A 33 -1.57 10.21 13.68
CA TYR A 33 -0.21 10.55 13.31
C TYR A 33 0.03 11.98 13.78
N ASP A 34 0.79 12.14 14.86
CA ASP A 34 1.07 13.45 15.44
C ASP A 34 2.54 13.52 15.83
N PRO A 35 3.42 13.62 14.83
CA PRO A 35 4.86 13.63 15.13
C PRO A 35 5.25 14.77 16.05
N THR A 36 6.18 14.48 16.93
CA THR A 36 6.60 15.42 17.97
C THR A 36 7.64 16.39 17.44
N ILE A 37 7.60 17.62 17.95
CA ILE A 37 8.73 18.54 17.87
C ILE A 37 9.59 18.28 19.10
N GLU A 38 9.07 18.65 20.27
CA GLU A 38 9.63 18.30 21.57
C GLU A 38 8.61 18.70 22.62
N ASP A 39 8.53 17.95 23.71
CA ASP A 39 7.61 18.34 24.77
C ASP A 39 8.19 17.92 26.10
N SER A 40 7.93 18.74 27.11
CA SER A 40 8.35 18.45 28.47
C SER A 40 7.12 18.32 29.34
N TYR A 41 7.16 17.37 30.28
CA TYR A 41 6.07 17.10 31.18
C TYR A 41 6.62 16.87 32.58
N ARG A 42 5.78 17.14 33.58
CA ARG A 42 6.15 16.95 34.97
C ARG A 42 5.05 16.12 35.62
N LYS A 43 5.43 15.14 36.43
CA LYS A 43 4.46 14.32 37.13
C LYS A 43 5.02 13.83 38.45
N GLN A 44 4.23 13.95 39.52
CA GLN A 44 4.60 13.40 40.82
C GLN A 44 4.05 12.00 40.94
N VAL A 45 4.89 11.07 41.38
CA VAL A 45 4.50 9.67 41.55
C VAL A 45 5.10 9.15 42.85
N VAL A 46 4.64 7.97 43.26
CA VAL A 46 5.22 7.25 44.39
C VAL A 46 5.80 5.96 43.85
N ILE A 47 7.09 5.74 44.08
CA ILE A 47 7.78 4.56 43.60
C ILE A 47 8.51 3.94 44.77
N ASP A 48 8.21 2.67 45.06
CA ASP A 48 8.80 1.97 46.19
C ASP A 48 8.64 2.78 47.48
N GLY A 49 7.47 3.41 47.62
CA GLY A 49 7.11 4.11 48.83
C GLY A 49 7.67 5.51 48.99
N GLU A 50 8.36 6.04 47.99
CA GLU A 50 8.96 7.36 48.08
C GLU A 50 8.40 8.27 46.98
N THR A 51 8.11 9.51 47.36
CA THR A 51 7.63 10.50 46.40
C THR A 51 8.75 10.91 45.45
N CYS A 52 8.47 10.83 44.16
CA CYS A 52 9.38 11.18 43.09
C CYS A 52 8.71 12.23 42.21
N LEU A 53 9.49 13.18 41.72
CA LEU A 53 9.00 14.14 40.74
C LEU A 53 9.69 13.81 39.42
N LEU A 54 8.92 13.39 38.43
CA LEU A 54 9.46 13.03 37.14
C LEU A 54 9.39 14.23 36.21
N ASP A 55 10.52 14.59 35.62
CA ASP A 55 10.57 15.53 34.52
C ASP A 55 10.83 14.69 33.28
N ILE A 56 9.89 14.68 32.34
CA ILE A 56 9.96 13.79 31.20
C ILE A 56 10.06 14.60 29.93
N LEU A 57 11.10 14.33 29.14
CA LEU A 57 11.26 14.97 27.84
C LEU A 57 10.90 13.97 26.76
N ASP A 58 9.89 14.31 25.97
CA ASP A 58 9.45 13.51 24.83
C ASP A 58 10.10 14.11 23.60
N THR A 59 10.90 13.31 22.90
CA THR A 59 11.73 13.80 21.81
C THR A 59 11.23 13.28 20.47
N ALA A 60 11.67 13.94 19.39
CA ALA A 60 11.31 13.51 18.05
C ALA A 60 12.27 12.43 17.57
N GLY A 61 11.71 11.40 16.94
CA GLY A 61 12.52 10.38 16.31
C GLY A 61 12.70 10.72 14.85
N ARG A 62 13.68 11.56 14.54
N ARG A 62 13.69 11.56 14.53
CA ARG A 62 13.91 12.00 13.15
CA ARG A 62 13.91 12.02 13.16
C ARG A 62 15.40 11.95 12.88
C ARG A 62 15.40 11.96 12.86
N GLU A 63 15.80 10.99 12.02
CA GLU A 63 17.21 10.87 11.69
C GLU A 63 17.75 12.13 11.03
N GLU A 64 16.90 12.86 10.31
CA GLU A 64 17.39 14.05 9.62
C GLU A 64 17.77 15.16 10.59
N TYR A 65 17.38 15.04 11.86
CA TYR A 65 17.75 16.00 12.89
C TYR A 65 18.57 15.34 14.01
N SER A 66 19.31 14.29 13.68
CA SER A 66 20.02 13.57 14.74
C SER A 66 21.02 14.46 15.50
N ALA A 67 21.59 15.48 14.84
CA ALA A 67 22.52 16.37 15.54
C ALA A 67 21.84 17.14 16.67
N MET A 68 20.53 17.34 16.61
CA MET A 68 19.82 18.08 17.65
C MET A 68 19.67 17.29 18.95
N ARG A 69 20.03 16.01 18.96
CA ARG A 69 19.82 15.19 20.16
C ARG A 69 20.85 15.44 21.26
N ASP A 70 22.05 15.90 20.90
CA ASP A 70 23.14 15.91 21.86
C ASP A 70 22.80 16.76 23.09
N GLN A 71 22.15 17.91 22.87
CA GLN A 71 21.91 18.82 23.98
C GLN A 71 21.00 18.20 25.03
N TYR A 72 19.99 17.46 24.59
CA TYR A 72 19.11 16.85 25.58
C TYR A 72 19.69 15.58 26.16
N MET A 73 20.62 14.94 25.46
CA MET A 73 21.32 13.80 26.06
C MET A 73 22.25 14.25 27.18
N ARG A 74 22.87 15.42 27.04
CA ARG A 74 23.71 15.94 28.12
C ARG A 74 22.90 16.17 29.39
N THR A 75 21.71 16.74 29.25
CA THR A 75 20.91 17.13 30.40
C THR A 75 20.18 15.95 31.03
N GLY A 76 19.76 14.97 30.23
CA GLY A 76 18.96 13.88 30.75
C GLY A 76 19.74 12.98 31.69
N GLU A 77 19.03 12.41 32.68
CA GLU A 77 19.63 11.53 33.67
C GLU A 77 19.37 10.06 33.39
N GLY A 78 18.28 9.73 32.72
CA GLY A 78 18.00 8.35 32.35
C GLY A 78 17.19 8.35 31.06
N PHE A 79 17.31 7.26 30.30
CA PHE A 79 16.75 7.23 28.96
C PHE A 79 15.88 6.01 28.78
N LEU A 80 14.64 6.25 28.34
CA LEU A 80 13.74 5.19 27.90
C LEU A 80 13.99 5.00 26.41
N CYS A 81 14.57 3.87 26.03
CA CYS A 81 14.96 3.61 24.65
C CYS A 81 13.91 2.68 24.04
N VAL A 82 13.07 3.24 23.17
CA VAL A 82 11.83 2.61 22.74
C VAL A 82 11.99 2.11 21.31
N PHE A 83 11.57 0.87 21.06
CA PHE A 83 11.34 0.38 19.71
C PHE A 83 9.93 -0.20 19.67
N ALA A 84 9.46 -0.50 18.46
CA ALA A 84 8.17 -1.15 18.27
C ALA A 84 8.37 -2.60 17.87
N ILE A 85 7.61 -3.49 18.50
CA ILE A 85 7.80 -4.92 18.29
C ILE A 85 7.45 -5.38 16.89
N ASN A 86 6.80 -4.53 16.09
CA ASN A 86 6.46 -4.85 14.71
C ASN A 86 7.33 -4.09 13.71
N ASN A 87 8.46 -3.54 14.16
CA ASN A 87 9.31 -2.70 13.31
C ASN A 87 10.76 -3.07 13.60
N SER A 88 11.29 -4.02 12.80
CA SER A 88 12.65 -4.51 13.04
C SER A 88 13.70 -3.41 12.84
N LYS A 89 13.46 -2.48 11.92
CA LYS A 89 14.37 -1.35 11.76
C LYS A 89 14.47 -0.53 13.05
N SER A 90 13.34 -0.29 13.72
CA SER A 90 13.37 0.48 14.95
C SER A 90 14.17 -0.24 16.03
N PHE A 91 14.16 -1.57 16.01
CA PHE A 91 14.96 -2.34 16.95
C PHE A 91 16.45 -2.20 16.64
N ALA A 92 16.81 -2.16 15.35
CA ALA A 92 18.21 -1.90 15.01
C ALA A 92 18.61 -0.47 15.36
N ASP A 93 17.69 0.50 15.22
CA ASP A 93 17.99 1.88 15.51
C ASP A 93 18.30 2.12 16.98
N ILE A 94 17.81 1.23 17.86
CA ILE A 94 18.11 1.33 19.30
C ILE A 94 19.60 1.53 19.51
N ASN A 95 20.41 0.71 18.83
CA ASN A 95 21.85 0.76 19.11
C ASN A 95 22.43 2.11 18.74
N LEU A 96 21.91 2.76 17.70
CA LEU A 96 22.39 4.09 17.34
C LEU A 96 22.11 5.07 18.46
N TYR A 97 20.93 5.01 19.07
CA TYR A 97 20.62 5.91 20.17
C TYR A 97 21.51 5.60 21.37
N ARG A 98 21.68 4.32 21.72
CA ARG A 98 22.52 4.00 22.87
C ARG A 98 23.96 4.47 22.64
N GLU A 99 24.48 4.25 21.44
CA GLU A 99 25.83 4.70 21.15
C GLU A 99 25.94 6.23 21.25
N GLN A 100 24.91 6.94 20.77
CA GLN A 100 24.93 8.40 20.86
C GLN A 100 24.90 8.86 22.32
N ILE A 101 24.06 8.23 23.15
CA ILE A 101 24.00 8.59 24.56
C ILE A 101 25.35 8.33 25.23
N LYS A 102 25.93 7.16 24.97
CA LYS A 102 27.23 6.82 25.57
C LYS A 102 28.30 7.82 25.17
N ARG A 103 28.32 8.24 23.90
CA ARG A 103 29.36 9.16 23.46
C ARG A 103 29.13 10.57 24.00
N VAL A 104 27.87 11.00 24.06
CA VAL A 104 27.59 12.34 24.55
C VAL A 104 27.88 12.44 26.04
N LYS A 105 27.49 11.40 26.78
CA LYS A 105 27.66 11.42 28.23
C LYS A 105 28.98 10.81 28.69
N ASP A 106 29.77 10.29 27.76
CA ASP A 106 31.12 9.79 28.03
C ASP A 106 31.09 8.74 29.15
N SER A 107 30.20 7.76 29.01
CA SER A 107 30.03 6.77 30.06
C SER A 107 29.31 5.54 29.53
N ASP A 108 29.69 4.38 30.04
CA ASP A 108 28.98 3.12 29.79
C ASP A 108 27.90 2.84 30.83
N ASP A 109 27.74 3.70 31.83
CA ASP A 109 26.93 3.44 33.01
C ASP A 109 25.61 4.23 33.03
N VAL A 110 25.18 4.76 31.89
CA VAL A 110 24.04 5.69 31.89
C VAL A 110 22.76 4.93 32.17
N PRO A 111 21.93 5.36 33.13
CA PRO A 111 20.65 4.70 33.37
C PRO A 111 19.78 4.66 32.11
N MET A 112 19.36 3.45 31.73
CA MET A 112 18.54 3.23 30.54
C MET A 112 17.65 2.02 30.75
N VAL A 113 16.50 2.04 30.09
CA VAL A 113 15.62 0.88 30.00
C VAL A 113 15.25 0.68 28.54
N LEU A 114 15.27 -0.56 28.09
CA LEU A 114 14.85 -0.92 26.73
C LEU A 114 13.36 -1.24 26.76
N VAL A 115 12.60 -0.58 25.91
CA VAL A 115 11.15 -0.72 25.88
C VAL A 115 10.72 -1.23 24.52
N GLY A 116 10.04 -2.38 24.50
CA GLY A 116 9.42 -2.87 23.30
C GLY A 116 7.94 -2.59 23.30
N ASN A 117 7.53 -1.61 22.52
CA ASN A 117 6.17 -1.10 22.55
C ASN A 117 5.32 -1.72 21.44
N LYS A 118 4.00 -1.51 21.55
CA LYS A 118 2.99 -2.01 20.62
C LYS A 118 2.71 -3.50 20.80
N CYS A 119 2.87 -4.02 22.01
N CYS A 119 2.88 -4.01 22.02
CA CYS A 119 2.68 -5.44 22.27
CA CYS A 119 2.68 -5.44 22.26
C CYS A 119 1.21 -5.87 22.22
C CYS A 119 1.24 -5.88 22.04
N ASP A 120 0.30 -4.94 21.95
CA ASP A 120 -1.10 -5.29 21.68
C ASP A 120 -1.29 -5.79 20.25
N LEU A 121 -0.33 -5.51 19.35
CA LEU A 121 -0.47 -5.88 17.94
C LEU A 121 -0.12 -7.35 17.75
N PRO A 122 -0.91 -8.08 16.94
CA PRO A 122 -0.69 -9.53 16.82
C PRO A 122 0.54 -9.88 16.00
N THR A 123 0.92 -9.07 15.03
CA THR A 123 2.00 -9.40 14.09
C THR A 123 3.30 -8.80 14.61
N ARG A 124 4.06 -9.61 15.32
CA ARG A 124 5.34 -9.18 15.90
C ARG A 124 6.48 -9.64 15.01
N THR A 125 7.46 -8.76 14.79
CA THR A 125 8.64 -9.09 14.01
C THR A 125 9.93 -9.11 14.82
N VAL A 126 9.92 -8.58 16.04
CA VAL A 126 11.07 -8.65 16.94
C VAL A 126 10.68 -9.57 18.09
N ASP A 127 11.35 -10.71 18.21
CA ASP A 127 10.96 -11.67 19.23
C ASP A 127 11.53 -11.27 20.59
N THR A 128 10.85 -11.70 21.65
CA THR A 128 11.24 -11.32 23.00
C THR A 128 12.63 -11.82 23.35
N LYS A 129 13.03 -12.97 22.80
CA LYS A 129 14.39 -13.48 23.04
C LYS A 129 15.43 -12.51 22.50
N GLN A 130 15.21 -11.98 21.30
CA GLN A 130 16.16 -11.03 20.72
C GLN A 130 16.25 -9.76 21.56
N ALA A 131 15.11 -9.25 22.03
CA ALA A 131 15.11 -8.04 22.83
C ALA A 131 15.75 -8.27 24.19
N HIS A 132 15.45 -9.41 24.82
CA HIS A 132 16.07 -9.71 26.11
C HIS A 132 17.58 -9.82 25.99
N GLU A 133 18.06 -10.44 24.93
CA GLU A 133 19.51 -10.59 24.75
C GLU A 133 20.17 -9.25 24.47
N LEU A 134 19.48 -8.36 23.75
CA LEU A 134 20.05 -7.04 23.54
C LEU A 134 20.16 -6.28 24.86
N ALA A 135 19.08 -6.30 25.66
CA ALA A 135 19.11 -5.61 26.94
C ALA A 135 20.15 -6.21 27.86
N LYS A 136 20.26 -7.54 27.86
CA LYS A 136 21.30 -8.19 28.66
C LYS A 136 22.69 -7.74 28.21
N SER A 137 22.90 -7.60 26.89
CA SER A 137 24.21 -7.18 26.41
C SER A 137 24.53 -5.74 26.79
N TYR A 138 23.51 -4.93 27.04
CA TYR A 138 23.69 -3.57 27.53
C TYR A 138 23.75 -3.50 29.05
N GLY A 139 23.36 -4.57 29.74
CA GLY A 139 23.20 -4.54 31.19
C GLY A 139 22.03 -3.71 31.67
N ILE A 140 20.93 -3.66 30.93
CA ILE A 140 19.80 -2.81 31.33
C ILE A 140 18.52 -3.64 31.29
N PRO A 141 17.46 -3.18 31.98
CA PRO A 141 16.19 -3.90 31.94
C PRO A 141 15.49 -3.77 30.59
N PHE A 142 14.66 -4.77 30.28
CA PHE A 142 13.77 -4.78 29.13
C PHE A 142 12.33 -4.90 29.61
N ILE A 143 11.46 -4.00 29.13
CA ILE A 143 10.04 -3.98 29.50
C ILE A 143 9.22 -3.94 28.22
N GLU A 144 8.24 -4.84 28.11
CA GLU A 144 7.27 -4.82 27.02
C GLU A 144 6.07 -3.95 27.40
N THR A 145 5.62 -3.12 26.45
CA THR A 145 4.54 -2.20 26.75
C THR A 145 3.53 -2.17 25.61
N SER A 146 2.33 -1.70 25.96
CA SER A 146 1.37 -1.20 24.97
C SER A 146 0.87 0.15 25.45
N ALA A 147 1.23 1.21 24.73
CA ALA A 147 0.64 2.51 25.06
C ALA A 147 -0.85 2.51 24.80
N LYS A 148 -1.33 1.66 23.89
CA LYS A 148 -2.76 1.60 23.60
C LYS A 148 -3.56 1.06 24.78
N THR A 149 -3.12 -0.06 25.37
CA THR A 149 -3.87 -0.64 26.48
C THR A 149 -3.39 -0.21 27.84
N ARG A 150 -2.24 0.47 27.93
CA ARG A 150 -1.53 0.85 29.15
C ARG A 150 -0.67 -0.29 29.70
N GLN A 151 -0.69 -1.47 29.10
CA GLN A 151 0.12 -2.56 29.64
C GLN A 151 1.58 -2.13 29.77
N GLY A 152 2.14 -2.30 30.97
CA GLY A 152 3.56 -2.06 31.20
C GLY A 152 4.01 -0.62 31.21
N VAL A 153 3.11 0.35 31.00
CA VAL A 153 3.54 1.74 30.82
C VAL A 153 4.14 2.28 32.10
N GLU A 154 3.43 2.17 33.22
CA GLU A 154 4.00 2.64 34.48
C GLU A 154 5.25 1.84 34.82
N ASP A 155 5.24 0.54 34.57
CA ASP A 155 6.41 -0.30 34.85
C ASP A 155 7.64 0.23 34.12
N ALA A 156 7.48 0.65 32.87
CA ALA A 156 8.63 1.11 32.10
C ALA A 156 9.24 2.36 32.71
N PHE A 157 8.41 3.37 33.00
CA PHE A 157 8.91 4.60 33.59
C PHE A 157 9.44 4.39 35.00
N TYR A 158 8.74 3.59 35.81
CA TYR A 158 9.19 3.40 37.19
C TYR A 158 10.48 2.61 37.23
N THR A 159 10.64 1.64 36.33
CA THR A 159 11.88 0.88 36.30
C THR A 159 13.05 1.80 35.96
N LEU A 160 12.84 2.75 35.06
CA LEU A 160 13.91 3.69 34.75
C LEU A 160 14.28 4.53 35.97
N VAL A 161 13.28 4.98 36.75
CA VAL A 161 13.58 5.69 37.98
C VAL A 161 14.42 4.84 38.91
N ARG A 162 14.07 3.54 39.02
CA ARG A 162 14.87 2.67 39.88
C ARG A 162 16.31 2.58 39.41
N GLU A 163 16.52 2.56 38.08
CA GLU A 163 17.89 2.54 37.57
C GLU A 163 18.65 3.81 37.94
N ILE A 164 17.99 4.97 37.86
CA ILE A 164 18.63 6.21 38.25
C ILE A 164 18.93 6.23 39.74
N ARG A 165 17.96 5.77 40.54
N ARG A 165 17.95 5.81 40.55
CA ARG A 165 18.13 5.74 41.99
CA ARG A 165 18.16 5.73 42.00
C ARG A 165 19.33 4.88 42.38
C ARG A 165 19.40 4.93 42.32
N GLN A 166 19.51 3.74 41.72
CA GLN A 166 20.67 2.88 42.00
CA GLN A 166 20.66 2.88 42.00
C GLN A 166 21.96 3.54 41.56
N TYR A 167 21.93 4.25 40.43
CA TYR A 167 23.10 4.95 39.94
C TYR A 167 23.57 6.02 40.92
N ARG A 168 22.62 6.77 41.50
CA ARG A 168 22.95 7.85 42.43
C ARG A 168 23.44 7.33 43.77
N MET A 169 23.14 6.08 44.14
CA MET A 169 23.56 5.55 45.42
C MET A 169 25.08 5.42 45.50
N LYS A 170 25.74 5.21 44.37
CA LYS A 170 27.17 4.90 44.34
C LYS A 170 28.06 6.09 44.71
N SER B 1 27.15 -18.41 -25.70
CA SER B 1 26.03 -18.46 -24.79
C SER B 1 24.98 -19.44 -25.33
N MET B 2 24.31 -20.16 -24.44
CA MET B 2 23.34 -21.16 -24.88
C MET B 2 22.20 -20.50 -25.66
N THR B 3 21.68 -21.25 -26.62
CA THR B 3 20.58 -20.74 -27.44
C THR B 3 19.33 -20.60 -26.58
N GLU B 4 18.58 -19.53 -26.84
CA GLU B 4 17.32 -19.28 -26.17
C GLU B 4 16.16 -19.53 -27.14
N TYR B 5 15.14 -20.19 -26.63
CA TYR B 5 13.95 -20.54 -27.41
C TYR B 5 12.75 -19.90 -26.75
N LYS B 6 12.02 -19.09 -27.50
CA LYS B 6 10.80 -18.44 -27.03
C LYS B 6 9.61 -19.34 -27.36
N LEU B 7 9.08 -20.01 -26.35
CA LEU B 7 7.97 -20.94 -26.51
C LEU B 7 6.70 -20.31 -25.97
N VAL B 8 5.59 -20.53 -26.65
CA VAL B 8 4.29 -20.00 -26.23
C VAL B 8 3.31 -21.16 -26.16
N VAL B 9 2.57 -21.25 -25.05
CA VAL B 9 1.58 -22.31 -24.85
C VAL B 9 0.20 -21.71 -25.08
N VAL B 10 -0.52 -22.24 -26.07
CA VAL B 10 -1.83 -21.71 -26.47
C VAL B 10 -2.85 -22.83 -26.56
N GLY B 11 -4.12 -22.45 -26.57
CA GLY B 11 -5.21 -23.39 -26.64
C GLY B 11 -6.40 -22.92 -25.83
N ALA B 12 -7.54 -23.60 -26.01
CA ALA B 12 -8.78 -23.17 -25.38
C ALA B 12 -8.68 -23.18 -23.86
N GLY B 13 -9.58 -22.43 -23.24
CA GLY B 13 -9.59 -22.39 -21.78
C GLY B 13 -9.80 -23.77 -21.17
N GLY B 14 -9.02 -24.07 -20.13
CA GLY B 14 -9.22 -25.27 -19.35
C GLY B 14 -8.55 -26.52 -19.87
N VAL B 15 -7.78 -26.44 -20.96
CA VAL B 15 -7.22 -27.66 -21.54
C VAL B 15 -6.00 -28.17 -20.77
N GLY B 16 -5.40 -27.33 -19.93
CA GLY B 16 -4.25 -27.70 -19.15
C GLY B 16 -2.94 -27.02 -19.54
N LYS B 17 -3.00 -25.85 -20.18
CA LYS B 17 -1.79 -25.11 -20.53
C LYS B 17 -0.95 -24.81 -19.30
N SER B 18 -1.60 -24.29 -18.24
CA SER B 18 -0.86 -23.97 -17.03
C SER B 18 -0.41 -25.22 -16.30
N ALA B 19 -1.25 -26.24 -16.24
CA ALA B 19 -0.85 -27.45 -15.55
C ALA B 19 0.39 -28.06 -16.20
N LEU B 20 0.47 -28.04 -17.53
CA LEU B 20 1.66 -28.52 -18.21
C LEU B 20 2.87 -27.66 -17.87
N THR B 21 2.70 -26.34 -17.93
CA THR B 21 3.82 -25.43 -17.70
C THR B 21 4.31 -25.51 -16.27
N ILE B 22 3.36 -25.56 -15.32
CA ILE B 22 3.72 -25.63 -13.91
C ILE B 22 4.40 -26.95 -13.59
N GLN B 23 3.98 -28.05 -14.24
CA GLN B 23 4.72 -29.30 -14.07
C GLN B 23 6.17 -29.13 -14.50
N LEU B 24 6.39 -28.53 -15.67
CA LEU B 24 7.74 -28.41 -16.18
C LEU B 24 8.58 -27.51 -15.28
N ILE B 25 8.01 -26.39 -14.84
CA ILE B 25 8.76 -25.36 -14.14
C ILE B 25 8.85 -25.63 -12.65
N GLN B 26 7.75 -26.09 -12.05
CA GLN B 26 7.61 -26.14 -10.59
C GLN B 26 7.40 -27.54 -10.06
N ASN B 27 7.38 -28.56 -10.93
CA ASN B 27 7.40 -29.96 -10.52
C ASN B 27 6.23 -30.33 -9.61
N HIS B 28 5.05 -29.80 -9.90
CA HIS B 28 3.87 -30.25 -9.15
C HIS B 28 2.62 -30.02 -9.99
N PHE B 29 1.51 -30.60 -9.51
CA PHE B 29 0.19 -30.48 -10.10
C PHE B 29 -0.83 -30.34 -8.97
N VAL B 30 -1.81 -29.46 -9.17
CA VAL B 30 -2.95 -29.38 -8.27
C VAL B 30 -4.22 -29.37 -9.11
N ASP B 31 -5.27 -30.01 -8.60
CA ASP B 31 -6.54 -30.06 -9.31
C ASP B 31 -7.27 -28.71 -9.30
N GLU B 32 -6.92 -27.82 -8.38
CA GLU B 32 -7.56 -26.52 -8.30
C GLU B 32 -7.34 -25.74 -9.59
N TYR B 33 -8.41 -25.13 -10.09
CA TYR B 33 -8.34 -24.36 -11.33
C TYR B 33 -8.08 -22.89 -11.01
N ASP B 34 -7.09 -22.32 -11.69
CA ASP B 34 -6.68 -20.94 -11.51
C ASP B 34 -6.52 -20.35 -12.91
N PRO B 35 -7.56 -19.75 -13.47
CA PRO B 35 -7.44 -19.21 -14.83
C PRO B 35 -6.32 -18.19 -14.94
N THR B 36 -5.58 -18.28 -16.04
CA THR B 36 -4.39 -17.46 -16.28
C THR B 36 -4.76 -16.10 -16.86
N ILE B 37 -3.98 -15.09 -16.48
CA ILE B 37 -3.93 -13.83 -17.22
C ILE B 37 -2.81 -13.99 -18.25
N GLU B 38 -1.57 -14.04 -17.77
CA GLU B 38 -0.38 -14.35 -18.57
C GLU B 38 0.76 -14.58 -17.59
N ASP B 39 1.69 -15.48 -17.91
CA ASP B 39 2.86 -15.66 -17.06
C ASP B 39 4.03 -16.07 -17.92
N SER B 40 5.22 -15.57 -17.57
CA SER B 40 6.46 -15.95 -18.25
C SER B 40 7.36 -16.69 -17.27
N TYR B 41 8.08 -17.70 -17.78
CA TYR B 41 9.00 -18.50 -16.98
C TYR B 41 10.26 -18.73 -17.80
N ARG B 42 11.40 -18.75 -17.14
CA ARG B 42 12.67 -19.05 -17.79
C ARG B 42 13.28 -20.28 -17.13
N LYS B 43 13.78 -21.22 -17.93
CA LYS B 43 14.40 -22.43 -17.39
C LYS B 43 15.48 -22.91 -18.33
N GLN B 44 16.65 -23.21 -17.78
CA GLN B 44 17.67 -23.85 -18.60
C GLN B 44 17.55 -25.36 -18.53
N VAL B 45 17.72 -26.02 -19.67
CA VAL B 45 17.53 -27.47 -19.80
C VAL B 45 18.60 -28.00 -20.73
N VAL B 46 18.72 -29.33 -20.80
CA VAL B 46 19.58 -29.99 -21.76
C VAL B 46 18.71 -30.93 -22.60
N ILE B 47 18.71 -30.72 -23.91
CA ILE B 47 17.89 -31.48 -24.84
C ILE B 47 18.83 -32.09 -25.87
N ASP B 48 18.85 -33.42 -25.94
CA ASP B 48 19.73 -34.13 -26.87
C ASP B 48 21.18 -33.69 -26.68
N GLY B 49 21.56 -33.46 -25.42
CA GLY B 49 22.90 -33.11 -25.05
C GLY B 49 23.27 -31.67 -25.23
N GLU B 50 22.38 -30.84 -25.77
CA GLU B 50 22.66 -29.43 -26.04
C GLU B 50 21.91 -28.58 -25.02
N THR B 51 22.64 -27.79 -24.24
CA THR B 51 22.02 -26.93 -23.25
CA THR B 51 22.02 -26.93 -23.25
C THR B 51 21.33 -25.76 -23.93
N CYS B 52 20.16 -25.42 -23.42
CA CYS B 52 19.46 -24.26 -23.97
C CYS B 52 18.58 -23.65 -22.89
N LEU B 53 18.11 -22.46 -23.19
CA LEU B 53 17.32 -21.66 -22.27
C LEU B 53 15.93 -21.53 -22.85
N LEU B 54 14.94 -21.95 -22.08
CA LEU B 54 13.55 -21.86 -22.51
C LEU B 54 12.93 -20.63 -21.86
N ASP B 55 12.37 -19.77 -22.68
CA ASP B 55 11.52 -18.67 -22.21
CA ASP B 55 11.53 -18.67 -22.21
C ASP B 55 10.10 -19.05 -22.59
N ILE B 56 9.29 -19.40 -21.60
CA ILE B 56 7.96 -19.95 -21.85
C ILE B 56 6.90 -18.94 -21.44
N LEU B 57 5.98 -18.67 -22.36
CA LEU B 57 4.85 -17.80 -22.10
C LEU B 57 3.61 -18.67 -21.97
N ASP B 58 2.99 -18.65 -20.79
CA ASP B 58 1.72 -19.34 -20.55
C ASP B 58 0.61 -18.30 -20.78
N THR B 59 -0.29 -18.58 -21.71
CA THR B 59 -1.30 -17.62 -22.12
C THR B 59 -2.68 -18.09 -21.70
N ALA B 60 -3.65 -17.15 -21.71
CA ALA B 60 -5.04 -17.45 -21.40
C ALA B 60 -5.79 -17.95 -22.63
N GLY B 61 -6.66 -18.94 -22.44
CA GLY B 61 -7.58 -19.36 -23.49
C GLY B 61 -8.89 -18.60 -23.34
N ARG B 62 -8.98 -17.46 -24.04
N ARG B 62 -9.00 -17.41 -23.95
CA ARG B 62 -10.06 -16.48 -23.92
CA ARG B 62 -10.23 -16.62 -23.84
C ARG B 62 -10.45 -16.08 -25.33
C ARG B 62 -10.56 -16.05 -25.20
N GLU B 63 -11.56 -16.64 -25.85
CA GLU B 63 -11.97 -16.24 -27.20
C GLU B 63 -12.35 -14.77 -27.24
N GLU B 64 -12.87 -14.22 -26.14
CA GLU B 64 -13.30 -12.83 -26.14
C GLU B 64 -12.14 -11.85 -26.26
N TYR B 65 -10.90 -12.32 -26.06
CA TYR B 65 -9.74 -11.46 -26.17
C TYR B 65 -8.81 -11.94 -27.28
N SER B 66 -9.37 -12.50 -28.35
CA SER B 66 -8.53 -13.08 -29.39
C SER B 66 -7.61 -12.06 -30.04
N ALA B 67 -8.04 -10.79 -30.14
CA ALA B 67 -7.19 -9.77 -30.76
C ALA B 67 -5.93 -9.51 -29.94
N MET B 68 -5.93 -9.84 -28.65
CA MET B 68 -4.75 -9.63 -27.83
C MET B 68 -3.70 -10.71 -28.03
N ARG B 69 -4.02 -11.78 -28.74
CA ARG B 69 -3.03 -12.83 -28.98
C ARG B 69 -1.96 -12.40 -29.96
N ASP B 70 -2.30 -11.50 -30.90
CA ASP B 70 -1.37 -11.20 -31.99
C ASP B 70 0.00 -10.81 -31.48
N GLN B 71 0.05 -9.99 -30.42
CA GLN B 71 1.33 -9.46 -29.99
C GLN B 71 2.27 -10.56 -29.52
N TYR B 72 1.76 -11.57 -28.81
CA TYR B 72 2.66 -12.64 -28.40
C TYR B 72 2.90 -13.67 -29.48
N MET B 73 2.02 -13.74 -30.47
CA MET B 73 2.31 -14.61 -31.61
C MET B 73 3.44 -14.05 -32.46
N ARG B 74 3.54 -12.72 -32.56
CA ARG B 74 4.62 -12.12 -33.33
C ARG B 74 5.99 -12.45 -32.72
N THR B 75 6.10 -12.43 -31.40
CA THR B 75 7.39 -12.62 -30.76
C THR B 75 7.71 -14.08 -30.48
N GLY B 76 6.70 -14.96 -30.38
CA GLY B 76 6.97 -16.35 -30.09
C GLY B 76 7.65 -17.06 -31.26
N GLU B 77 8.56 -17.98 -30.94
CA GLU B 77 9.29 -18.76 -31.93
C GLU B 77 8.71 -20.14 -32.17
N GLY B 78 8.04 -20.71 -31.18
CA GLY B 78 7.39 -21.99 -31.35
C GLY B 78 6.19 -22.04 -30.43
N PHE B 79 5.19 -22.83 -30.83
CA PHE B 79 3.90 -22.84 -30.15
C PHE B 79 3.48 -24.25 -29.79
N LEU B 80 3.15 -24.46 -28.51
CA LEU B 80 2.51 -25.69 -28.08
C LEU B 80 1.01 -25.44 -28.19
N CYS B 81 0.36 -26.18 -29.07
CA CYS B 81 -1.05 -26.00 -29.34
C CYS B 81 -1.78 -27.11 -28.59
N VAL B 82 -2.41 -26.78 -27.49
CA VAL B 82 -2.91 -27.77 -26.52
C VAL B 82 -4.42 -27.91 -26.65
N PHE B 83 -4.90 -29.15 -26.64
CA PHE B 83 -6.31 -29.45 -26.43
C PHE B 83 -6.41 -30.54 -25.39
N ALA B 84 -7.64 -30.81 -24.90
CA ALA B 84 -7.87 -31.87 -23.93
C ALA B 84 -8.55 -33.03 -24.64
N ILE B 85 -8.03 -34.25 -24.42
CA ILE B 85 -8.51 -35.41 -25.16
C ILE B 85 -9.92 -35.82 -24.81
N ASN B 86 -10.47 -35.25 -23.74
CA ASN B 86 -11.84 -35.54 -23.34
C ASN B 86 -12.79 -34.38 -23.68
N ASN B 87 -12.33 -33.44 -24.51
CA ASN B 87 -13.11 -32.22 -24.84
C ASN B 87 -12.99 -32.03 -26.35
N SER B 88 -13.97 -32.54 -27.09
CA SER B 88 -13.93 -32.44 -28.55
C SER B 88 -13.97 -31.00 -29.03
N LYS B 89 -14.68 -30.12 -28.31
CA LYS B 89 -14.69 -28.71 -28.71
C LYS B 89 -13.30 -28.12 -28.67
N SER B 90 -12.51 -28.43 -27.63
CA SER B 90 -11.15 -27.89 -27.55
C SER B 90 -10.29 -28.35 -28.71
N PHE B 91 -10.56 -29.55 -29.24
CA PHE B 91 -9.85 -30.06 -30.40
C PHE B 91 -10.23 -29.27 -31.65
N ALA B 92 -11.51 -28.93 -31.82
CA ALA B 92 -11.91 -28.06 -32.91
C ALA B 92 -11.34 -26.65 -32.74
N ASP B 93 -11.23 -26.19 -31.50
CA ASP B 93 -10.74 -24.83 -31.25
C ASP B 93 -9.28 -24.66 -31.65
N ILE B 94 -8.52 -25.76 -31.72
CA ILE B 94 -7.11 -25.73 -32.12
C ILE B 94 -6.93 -24.97 -33.41
N ASN B 95 -7.81 -25.21 -34.37
CA ASN B 95 -7.54 -24.72 -35.70
C ASN B 95 -7.55 -23.21 -35.78
N LEU B 96 -8.39 -22.55 -34.98
CA LEU B 96 -8.38 -21.09 -34.96
C LEU B 96 -7.02 -20.57 -34.48
N TYR B 97 -6.45 -21.20 -33.47
CA TYR B 97 -5.13 -20.78 -33.00
C TYR B 97 -4.08 -21.00 -34.09
N ARG B 98 -4.09 -22.19 -34.70
N ARG B 98 -4.11 -22.17 -34.73
CA ARG B 98 -3.16 -22.49 -35.79
CA ARG B 98 -3.10 -22.43 -35.77
C ARG B 98 -3.23 -21.43 -36.88
C ARG B 98 -3.22 -21.45 -36.92
N GLU B 99 -4.46 -21.13 -37.34
CA GLU B 99 -4.63 -20.16 -38.41
C GLU B 99 -4.21 -18.76 -37.97
N GLN B 100 -4.48 -18.40 -36.72
CA GLN B 100 -4.08 -17.07 -36.27
C GLN B 100 -2.57 -16.93 -36.22
N ILE B 101 -1.86 -17.96 -35.73
CA ILE B 101 -0.39 -17.89 -35.70
C ILE B 101 0.16 -17.74 -37.12
N LYS B 102 -0.37 -18.55 -38.05
CA LYS B 102 0.07 -18.47 -39.44
C LYS B 102 -0.18 -17.09 -40.02
N ARG B 103 -1.34 -16.50 -39.72
CA ARG B 103 -1.64 -15.16 -40.23
C ARG B 103 -0.71 -14.11 -39.64
N VAL B 104 -0.57 -14.11 -38.30
CA VAL B 104 0.20 -13.08 -37.63
C VAL B 104 1.67 -13.14 -38.04
N LYS B 105 2.20 -14.35 -38.15
CA LYS B 105 3.61 -14.53 -38.51
C LYS B 105 3.84 -14.61 -40.01
N ASP B 106 2.77 -14.60 -40.81
CA ASP B 106 2.87 -14.66 -42.27
C ASP B 106 3.78 -15.81 -42.71
N SER B 107 3.52 -16.99 -42.16
CA SER B 107 4.35 -18.15 -42.44
C SER B 107 3.53 -19.42 -42.31
N ASP B 108 3.73 -20.34 -43.25
CA ASP B 108 3.03 -21.62 -43.24
C ASP B 108 3.77 -22.73 -42.50
N ASP B 109 4.96 -22.46 -41.97
CA ASP B 109 5.70 -23.53 -41.29
C ASP B 109 6.29 -23.04 -39.98
N VAL B 110 5.53 -22.27 -39.22
CA VAL B 110 5.92 -21.89 -37.87
C VAL B 110 6.10 -23.14 -37.03
N PRO B 111 7.21 -23.29 -36.30
CA PRO B 111 7.35 -24.46 -35.41
C PRO B 111 6.20 -24.57 -34.41
N MET B 112 5.57 -25.74 -34.41
CA MET B 112 4.44 -26.01 -33.52
C MET B 112 4.42 -27.49 -33.18
N VAL B 113 3.79 -27.81 -32.06
CA VAL B 113 3.50 -29.18 -31.67
C VAL B 113 2.05 -29.23 -31.22
N LEU B 114 1.32 -30.25 -31.66
CA LEU B 114 -0.05 -30.47 -31.21
C LEU B 114 0.00 -31.37 -29.97
N VAL B 115 -0.60 -30.91 -28.88
CA VAL B 115 -0.54 -31.60 -27.60
C VAL B 115 -1.95 -32.00 -27.20
N GLY B 116 -2.17 -33.31 -27.02
CA GLY B 116 -3.43 -33.79 -26.49
C GLY B 116 -3.27 -34.13 -25.02
N ASN B 117 -3.79 -33.27 -24.16
CA ASN B 117 -3.60 -33.35 -22.72
C ASN B 117 -4.78 -34.07 -22.04
N LYS B 118 -4.57 -34.40 -20.77
CA LYS B 118 -5.53 -35.10 -19.92
C LYS B 118 -5.72 -36.56 -20.31
N CYS B 119 -4.66 -37.20 -20.79
CA CYS B 119 -4.72 -38.61 -21.20
CA CYS B 119 -4.76 -38.61 -21.20
C CYS B 119 -4.93 -39.56 -20.03
N ASP B 120 -4.90 -39.07 -18.79
CA ASP B 120 -5.19 -39.91 -17.64
C ASP B 120 -6.68 -40.06 -17.40
N LEU B 121 -7.52 -39.20 -18.01
CA LEU B 121 -8.94 -39.17 -17.66
C LEU B 121 -9.75 -40.14 -18.52
N PRO B 122 -10.89 -40.57 -18.01
CA PRO B 122 -11.76 -41.49 -18.76
C PRO B 122 -12.54 -40.75 -19.86
N THR B 123 -13.21 -41.54 -20.69
CA THR B 123 -14.17 -41.02 -21.67
C THR B 123 -13.47 -40.11 -22.67
N ARG B 124 -12.33 -40.58 -23.17
CA ARG B 124 -11.64 -39.91 -24.26
C ARG B 124 -12.59 -39.78 -25.45
N THR B 125 -12.65 -38.57 -26.02
CA THR B 125 -13.52 -38.30 -27.15
C THR B 125 -12.79 -37.93 -28.43
N VAL B 126 -11.49 -37.65 -28.37
CA VAL B 126 -10.69 -37.39 -29.55
C VAL B 126 -9.75 -38.58 -29.69
N ASP B 127 -10.03 -39.43 -30.68
CA ASP B 127 -9.24 -40.66 -30.77
C ASP B 127 -7.91 -40.41 -31.47
N THR B 128 -7.06 -41.45 -31.45
CA THR B 128 -5.70 -41.28 -31.93
C THR B 128 -5.66 -40.97 -33.42
N LYS B 129 -6.61 -41.51 -34.17
CA LYS B 129 -6.66 -41.25 -35.61
C LYS B 129 -7.00 -39.79 -35.89
N GLN B 130 -7.98 -39.24 -35.16
CA GLN B 130 -8.33 -37.83 -35.33
C GLN B 130 -7.14 -36.94 -35.06
N ALA B 131 -6.45 -37.17 -33.95
CA ALA B 131 -5.36 -36.28 -33.56
C ALA B 131 -4.19 -36.40 -34.52
N HIS B 132 -3.83 -37.63 -34.90
CA HIS B 132 -2.72 -37.79 -35.82
C HIS B 132 -3.03 -37.20 -37.19
N GLU B 133 -4.27 -37.33 -37.65
CA GLU B 133 -4.64 -36.78 -38.94
C GLU B 133 -4.55 -35.25 -38.93
N LEU B 134 -5.00 -34.61 -37.85
CA LEU B 134 -4.88 -33.16 -37.78
C LEU B 134 -3.42 -32.74 -37.79
N ALA B 135 -2.61 -33.36 -36.93
CA ALA B 135 -1.19 -33.01 -36.90
C ALA B 135 -0.53 -33.25 -38.25
N LYS B 136 -0.87 -34.34 -38.92
CA LYS B 136 -0.28 -34.61 -40.24
C LYS B 136 -0.67 -33.51 -41.23
N SER B 137 -1.93 -33.06 -41.18
CA SER B 137 -2.39 -32.01 -42.09
C SER B 137 -1.66 -30.71 -41.83
N TYR B 138 -1.16 -30.52 -40.61
CA TYR B 138 -0.38 -29.36 -40.24
C TYR B 138 1.12 -29.57 -40.45
N GLY B 139 1.55 -30.81 -40.66
CA GLY B 139 2.97 -31.10 -40.77
C GLY B 139 3.74 -30.99 -39.48
N ILE B 140 3.09 -31.27 -38.34
CA ILE B 140 3.72 -31.08 -37.04
C ILE B 140 3.54 -32.35 -36.21
N PRO B 141 4.35 -32.54 -35.17
CA PRO B 141 4.17 -33.71 -34.31
C PRO B 141 2.95 -33.60 -33.42
N PHE B 142 2.42 -34.76 -33.03
CA PHE B 142 1.39 -34.88 -32.02
C PHE B 142 1.97 -35.60 -30.82
N ILE B 143 1.78 -35.04 -29.62
CA ILE B 143 2.30 -35.61 -28.38
C ILE B 143 1.14 -35.71 -27.40
N GLU B 144 0.98 -36.88 -26.78
CA GLU B 144 -0.02 -37.07 -25.73
C GLU B 144 0.60 -36.76 -24.39
N THR B 145 -0.16 -36.10 -23.52
CA THR B 145 0.35 -35.77 -22.20
C THR B 145 -0.72 -35.97 -21.13
N SER B 146 -0.24 -36.13 -19.89
CA SER B 146 -1.04 -35.91 -18.70
C SER B 146 -0.26 -34.98 -17.78
N ALA B 147 -0.75 -33.76 -17.62
CA ALA B 147 -0.15 -32.87 -16.62
C ALA B 147 -0.33 -33.41 -15.21
N LYS B 148 -1.36 -34.23 -14.98
CA LYS B 148 -1.59 -34.78 -13.65
C LYS B 148 -0.51 -35.79 -13.27
N THR B 149 -0.20 -36.73 -14.18
CA THR B 149 0.79 -37.75 -13.87
C THR B 149 2.19 -37.36 -14.30
N ARG B 150 2.34 -36.29 -15.07
CA ARG B 150 3.57 -35.81 -15.69
C ARG B 150 3.92 -36.57 -16.97
N GLN B 151 3.13 -37.57 -17.36
CA GLN B 151 3.38 -38.30 -18.60
C GLN B 151 3.48 -37.35 -19.79
N GLY B 152 4.60 -37.43 -20.52
CA GLY B 152 4.75 -36.67 -21.75
C GLY B 152 5.06 -35.19 -21.61
N VAL B 153 5.12 -34.64 -20.40
CA VAL B 153 5.25 -33.19 -20.25
C VAL B 153 6.58 -32.71 -20.81
N GLU B 154 7.68 -33.29 -20.34
CA GLU B 154 8.98 -32.93 -20.90
C GLU B 154 9.02 -33.20 -22.39
N ASP B 155 8.47 -34.34 -22.81
CA ASP B 155 8.46 -34.68 -24.23
CA ASP B 155 8.47 -34.67 -24.23
C ASP B 155 7.81 -33.59 -25.07
N ALA B 156 6.68 -33.03 -24.59
CA ALA B 156 5.99 -32.03 -25.39
C ALA B 156 6.85 -30.79 -25.59
N PHE B 157 7.41 -30.26 -24.50
CA PHE B 157 8.25 -29.07 -24.62
C PHE B 157 9.53 -29.35 -25.40
N TYR B 158 10.18 -30.49 -25.13
CA TYR B 158 11.42 -30.79 -25.83
C TYR B 158 11.17 -31.02 -27.31
N THR B 159 10.04 -31.66 -27.66
CA THR B 159 9.69 -31.83 -29.07
C THR B 159 9.53 -30.50 -29.77
N LEU B 160 8.94 -29.51 -29.10
CA LEU B 160 8.83 -28.19 -29.70
C LEU B 160 10.20 -27.56 -29.93
N VAL B 161 11.11 -27.69 -28.97
CA VAL B 161 12.48 -27.20 -29.19
C VAL B 161 13.11 -27.88 -30.40
N ARG B 162 12.94 -29.20 -30.52
CA ARG B 162 13.48 -29.90 -31.68
C ARG B 162 12.88 -29.39 -32.98
N GLU B 163 11.58 -29.04 -32.97
CA GLU B 163 10.97 -28.47 -34.17
C GLU B 163 11.62 -27.13 -34.54
N ILE B 164 11.92 -26.30 -33.54
CA ILE B 164 12.60 -25.04 -33.82
C ILE B 164 14.00 -25.31 -34.35
N ARG B 165 14.73 -26.23 -33.71
CA ARG B 165 16.09 -26.55 -34.17
C ARG B 165 16.08 -27.01 -35.61
N GLN B 166 15.13 -27.88 -35.97
CA GLN B 166 15.07 -28.40 -37.33
C GLN B 166 14.67 -27.31 -38.31
N TYR B 167 13.78 -26.41 -37.88
CA TYR B 167 13.38 -25.29 -38.73
C TYR B 167 14.58 -24.41 -39.06
N ARG B 168 15.42 -24.13 -38.06
CA ARG B 168 16.58 -23.28 -38.30
C ARG B 168 17.65 -23.95 -39.16
N MET B 169 17.55 -25.27 -39.36
CA MET B 169 18.52 -26.02 -40.14
C MET B 169 18.05 -26.34 -41.55
N LYS B 170 16.85 -25.93 -41.93
CA LYS B 170 16.31 -26.27 -43.25
C LYS B 170 17.04 -25.53 -44.37
N VAL C 3 -32.77 2.33 2.36
CA VAL C 3 -31.66 3.15 1.87
C VAL C 3 -30.44 2.31 1.47
N ASN C 4 -29.75 2.72 0.42
CA ASN C 4 -28.60 1.98 -0.07
C ASN C 4 -27.50 2.03 0.98
N PRO C 5 -26.91 0.89 1.33
CA PRO C 5 -25.81 0.91 2.30
C PRO C 5 -24.56 1.53 1.71
N THR C 6 -23.74 2.09 2.60
CA THR C 6 -22.39 2.52 2.26
C THR C 6 -21.44 1.71 3.13
N VAL C 7 -20.40 1.15 2.51
CA VAL C 7 -19.39 0.40 3.23
C VAL C 7 -18.02 1.02 2.94
N PHE C 8 -17.04 0.68 3.77
CA PHE C 8 -15.70 1.21 3.60
C PHE C 8 -14.66 0.10 3.70
N PHE C 9 -13.55 0.32 3.00
CA PHE C 9 -12.30 -0.44 3.16
C PHE C 9 -11.21 0.55 3.58
N ASP C 10 -10.44 0.19 4.60
CA ASP C 10 -9.19 0.87 4.91
C ASP C 10 -8.06 0.05 4.30
N ILE C 11 -7.39 0.63 3.30
CA ILE C 11 -6.40 -0.07 2.49
C ILE C 11 -5.03 0.17 3.08
N ALA C 12 -4.18 -0.87 3.07
CA ALA C 12 -2.82 -0.77 3.52
C ALA C 12 -1.90 -1.28 2.43
N VAL C 13 -0.67 -0.76 2.42
CA VAL C 13 0.35 -1.11 1.44
C VAL C 13 1.55 -1.60 2.25
N ASP C 14 1.87 -2.89 2.11
CA ASP C 14 2.89 -3.53 2.95
C ASP C 14 2.69 -3.20 4.43
N GLY C 15 1.43 -3.22 4.87
CA GLY C 15 1.08 -2.96 6.25
C GLY C 15 0.98 -1.50 6.64
N GLU C 16 1.32 -0.58 5.75
CA GLU C 16 1.24 0.83 6.11
C GLU C 16 -0.07 1.43 5.59
N PRO C 17 -0.76 2.26 6.37
CA PRO C 17 -2.03 2.80 5.89
C PRO C 17 -1.86 3.60 4.61
N LEU C 18 -2.77 3.36 3.67
CA LEU C 18 -2.86 4.16 2.45
C LEU C 18 -4.05 5.13 2.51
N GLY C 19 -5.24 4.60 2.71
CA GLY C 19 -6.41 5.45 2.84
C GLY C 19 -7.68 4.64 2.84
N ARG C 20 -8.79 5.36 2.95
CA ARG C 20 -10.11 4.75 3.00
C ARG C 20 -10.82 4.91 1.67
N VAL C 21 -11.44 3.83 1.21
CA VAL C 21 -12.34 3.86 0.06
C VAL C 21 -13.72 3.49 0.58
N SER C 22 -14.72 4.27 0.20
CA SER C 22 -16.09 3.93 0.54
C SER C 22 -16.89 3.67 -0.73
N PHE C 23 -17.93 2.84 -0.60
CA PHE C 23 -18.72 2.41 -1.75
C PHE C 23 -20.19 2.56 -1.41
N GLU C 24 -20.96 3.11 -2.34
CA GLU C 24 -22.41 2.96 -2.27
C GLU C 24 -22.78 1.63 -2.91
N LEU C 25 -23.64 0.86 -2.26
CA LEU C 25 -24.11 -0.42 -2.77
C LEU C 25 -25.55 -0.25 -3.23
N PHE C 26 -25.82 -0.60 -4.49
CA PHE C 26 -27.11 -0.29 -5.09
C PHE C 26 -28.15 -1.37 -4.77
N ALA C 27 -28.51 -1.44 -3.50
CA ALA C 27 -29.50 -2.41 -3.05
C ALA C 27 -30.86 -2.18 -3.69
N ASP C 28 -31.14 -0.96 -4.16
CA ASP C 28 -32.38 -0.68 -4.86
C ASP C 28 -32.47 -1.38 -6.22
N LYS C 29 -31.34 -1.81 -6.79
CA LYS C 29 -31.33 -2.54 -8.05
C LYS C 29 -30.86 -3.98 -7.94
N VAL C 30 -29.93 -4.27 -7.03
CA VAL C 30 -29.36 -5.61 -6.88
C VAL C 30 -29.29 -5.93 -5.40
N PRO C 31 -30.44 -6.13 -4.75
CA PRO C 31 -30.43 -6.29 -3.28
C PRO C 31 -29.65 -7.50 -2.79
N LYS C 32 -29.73 -8.64 -3.48
CA LYS C 32 -29.06 -9.83 -2.98
C LYS C 32 -27.55 -9.69 -3.10
N THR C 33 -27.10 -9.09 -4.20
CA THR C 33 -25.67 -8.90 -4.42
C THR C 33 -25.13 -7.84 -3.48
N ALA C 34 -25.87 -6.74 -3.29
CA ALA C 34 -25.44 -5.71 -2.36
C ALA C 34 -25.34 -6.27 -0.95
N GLU C 35 -26.32 -7.08 -0.54
CA GLU C 35 -26.34 -7.56 0.83
C GLU C 35 -25.16 -8.49 1.10
N ASN C 36 -24.81 -9.34 0.14
CA ASN C 36 -23.63 -10.18 0.28
C ASN C 36 -22.38 -9.35 0.55
N PHE C 37 -22.17 -8.32 -0.27
CA PHE C 37 -20.96 -7.51 -0.09
C PHE C 37 -21.00 -6.76 1.23
N ARG C 38 -22.18 -6.25 1.59
CA ARG C 38 -22.33 -5.54 2.84
C ARG C 38 -21.96 -6.42 4.02
N ALA C 39 -22.53 -7.63 4.07
CA ALA C 39 -22.27 -8.51 5.21
C ALA C 39 -20.82 -8.98 5.24
N LEU C 40 -20.22 -9.21 4.07
CA LEU C 40 -18.81 -9.61 4.05
C LEU C 40 -17.91 -8.46 4.50
N SER C 41 -18.35 -7.23 4.28
CA SER C 41 -17.62 -6.06 4.73
C SER C 41 -17.72 -5.82 6.23
N THR C 42 -18.82 -6.20 6.87
CA THR C 42 -18.90 -6.04 8.32
C THR C 42 -18.33 -7.24 9.07
N GLY C 43 -18.24 -8.39 8.40
CA GLY C 43 -17.80 -9.61 9.03
C GLY C 43 -18.84 -10.28 9.91
N GLU C 44 -20.10 -9.86 9.81
CA GLU C 44 -21.09 -10.27 10.79
C GLU C 44 -21.44 -11.76 10.72
N LYS C 45 -21.11 -12.45 9.63
CA LYS C 45 -21.34 -13.88 9.54
C LYS C 45 -20.18 -14.70 10.11
N GLY C 46 -19.13 -14.03 10.58
CA GLY C 46 -17.96 -14.72 11.08
C GLY C 46 -16.84 -14.88 10.09
N PHE C 47 -17.01 -14.34 8.88
CA PHE C 47 -15.99 -14.37 7.84
C PHE C 47 -16.24 -13.17 6.94
N GLY C 48 -15.23 -12.82 6.15
CA GLY C 48 -15.41 -11.68 5.27
C GLY C 48 -14.07 -11.09 4.86
N TYR C 49 -14.14 -9.85 4.37
CA TYR C 49 -13.03 -9.24 3.64
C TYR C 49 -11.88 -8.76 4.53
N LYS C 50 -12.12 -8.52 5.81
CA LYS C 50 -11.07 -7.93 6.65
C LYS C 50 -9.82 -8.80 6.61
N GLY C 51 -8.69 -8.18 6.29
CA GLY C 51 -7.41 -8.87 6.26
C GLY C 51 -7.06 -9.48 4.92
N SER C 52 -7.98 -9.53 3.97
CA SER C 52 -7.71 -10.12 2.66
C SER C 52 -6.97 -9.12 1.78
N CYS C 53 -6.47 -9.60 0.63
CA CYS C 53 -5.64 -8.77 -0.23
C CYS C 53 -6.28 -8.60 -1.61
N PHE C 54 -5.76 -7.61 -2.35
CA PHE C 54 -6.06 -7.48 -3.77
C PHE C 54 -5.02 -8.29 -4.53
N HIS C 55 -5.44 -9.42 -5.08
CA HIS C 55 -4.52 -10.36 -5.70
C HIS C 55 -4.27 -10.07 -7.17
N ARG C 56 -5.04 -9.18 -7.78
CA ARG C 56 -4.85 -8.91 -9.21
C ARG C 56 -5.16 -7.45 -9.45
N ILE C 57 -4.14 -6.65 -9.77
CA ILE C 57 -4.29 -5.23 -10.06
C ILE C 57 -3.65 -4.99 -11.42
N ILE C 58 -4.46 -4.64 -12.42
CA ILE C 58 -3.94 -4.41 -13.76
C ILE C 58 -4.20 -2.96 -14.17
N PRO C 59 -3.17 -2.11 -14.26
CA PRO C 59 -3.40 -0.70 -14.62
C PRO C 59 -4.07 -0.57 -15.97
N GLY C 60 -4.99 0.38 -16.05
CA GLY C 60 -5.84 0.56 -17.19
C GLY C 60 -7.17 -0.16 -17.08
N PHE C 61 -7.35 -1.00 -16.06
CA PHE C 61 -8.53 -1.87 -15.99
C PHE C 61 -9.17 -1.94 -14.60
N MET C 62 -8.53 -2.59 -13.63
CA MET C 62 -9.27 -2.84 -12.39
C MET C 62 -8.34 -3.31 -11.27
N CYS C 63 -8.87 -3.25 -10.05
CA CYS C 63 -8.29 -3.88 -8.86
C CYS C 63 -9.24 -4.98 -8.39
N GLN C 64 -8.75 -6.21 -8.34
CA GLN C 64 -9.58 -7.36 -7.99
C GLN C 64 -9.14 -7.96 -6.66
N GLY C 65 -10.12 -8.29 -5.82
CA GLY C 65 -9.85 -8.93 -4.55
C GLY C 65 -10.98 -9.81 -4.10
N GLY C 66 -11.03 -10.07 -2.79
CA GLY C 66 -12.15 -10.75 -2.18
C GLY C 66 -11.96 -12.22 -1.88
N ASP C 67 -10.79 -12.80 -2.13
CA ASP C 67 -10.56 -14.20 -1.80
C ASP C 67 -10.02 -14.28 -0.37
N PHE C 68 -10.94 -14.46 0.58
CA PHE C 68 -10.58 -14.59 1.98
C PHE C 68 -10.53 -16.04 2.46
N THR C 69 -10.69 -17.01 1.56
CA THR C 69 -10.64 -18.42 1.97
C THR C 69 -9.39 -19.15 1.52
N ARG C 70 -8.96 -18.95 0.27
CA ARG C 70 -7.74 -19.57 -0.22
C ARG C 70 -6.57 -18.61 -0.32
N HIS C 71 -6.83 -17.30 -0.33
CA HIS C 71 -5.80 -16.27 -0.39
C HIS C 71 -4.86 -16.46 -1.57
N ASN C 72 -5.39 -16.98 -2.68
CA ASN C 72 -4.57 -17.16 -3.88
C ASN C 72 -5.31 -16.77 -5.15
N GLY C 73 -6.48 -16.14 -5.04
CA GLY C 73 -7.24 -15.74 -6.20
C GLY C 73 -8.20 -16.77 -6.73
N THR C 74 -8.24 -17.98 -6.16
CA THR C 74 -9.17 -19.00 -6.64
C THR C 74 -10.33 -19.23 -5.70
N GLY C 75 -10.32 -18.64 -4.50
CA GLY C 75 -11.32 -18.93 -3.49
C GLY C 75 -12.33 -17.82 -3.29
N GLY C 76 -12.93 -17.82 -2.10
CA GLY C 76 -14.02 -16.93 -1.75
C GLY C 76 -15.32 -17.69 -1.59
N LYS C 77 -16.24 -17.08 -0.84
CA LYS C 77 -17.55 -17.65 -0.66
C LYS C 77 -18.54 -16.55 -0.31
N SER C 78 -19.79 -16.78 -0.67
CA SER C 78 -20.85 -15.82 -0.39
C SER C 78 -21.42 -16.07 1.00
N ILE C 79 -22.35 -15.22 1.42
CA ILE C 79 -23.08 -15.44 2.67
C ILE C 79 -24.22 -16.42 2.50
N TYR C 80 -24.48 -16.89 1.29
CA TYR C 80 -25.66 -17.71 1.01
C TYR C 80 -25.37 -19.21 1.03
N GLY C 81 -24.19 -19.62 1.48
CA GLY C 81 -23.90 -21.04 1.62
C GLY C 81 -23.49 -21.72 0.34
N GLU C 82 -23.35 -20.99 -0.76
CA GLU C 82 -22.98 -21.51 -2.07
C GLU C 82 -22.83 -20.31 -2.98
N LYS C 83 -22.15 -20.52 -4.11
CA LYS C 83 -22.16 -19.51 -5.16
C LYS C 83 -23.60 -19.16 -5.51
N PHE C 84 -23.83 -17.93 -5.90
CA PHE C 84 -25.18 -17.48 -6.17
C PHE C 84 -25.31 -16.94 -7.59
N GLU C 85 -26.56 -16.87 -8.04
CA GLU C 85 -26.87 -16.52 -9.42
CA GLU C 85 -26.85 -16.51 -9.42
C GLU C 85 -26.55 -15.06 -9.72
N ASP C 86 -26.33 -14.78 -11.01
CA ASP C 86 -26.26 -13.41 -11.48
C ASP C 86 -27.62 -12.77 -11.29
N GLU C 87 -27.70 -11.77 -10.42
CA GLU C 87 -29.00 -11.22 -10.03
C GLU C 87 -29.68 -10.52 -11.19
N ASN C 88 -28.97 -9.62 -11.87
CA ASN C 88 -29.41 -8.96 -13.08
C ASN C 88 -28.21 -8.20 -13.63
N PHE C 89 -28.39 -7.61 -14.81
CA PHE C 89 -27.35 -6.80 -15.45
C PHE C 89 -27.85 -5.39 -15.73
N ILE C 90 -28.64 -4.85 -14.79
CA ILE C 90 -29.19 -3.51 -14.98
C ILE C 90 -28.06 -2.48 -15.11
N LEU C 91 -27.09 -2.55 -14.21
CA LEU C 91 -26.01 -1.57 -14.13
C LEU C 91 -24.82 -1.98 -15.00
N LYS C 92 -24.12 -0.98 -15.52
CA LYS C 92 -23.06 -1.19 -16.49
C LYS C 92 -21.71 -0.73 -15.97
N HIS C 93 -20.64 -1.19 -16.65
CA HIS C 93 -19.26 -0.84 -16.31
C HIS C 93 -18.93 0.44 -17.07
N THR C 94 -19.30 1.57 -16.47
CA THR C 94 -19.31 2.84 -17.19
C THR C 94 -18.04 3.66 -17.02
N GLY C 95 -17.18 3.33 -16.06
CA GLY C 95 -16.03 4.16 -15.80
C GLY C 95 -15.35 3.82 -14.50
N PRO C 96 -14.35 4.62 -14.14
CA PRO C 96 -13.61 4.36 -12.89
C PRO C 96 -14.54 4.39 -11.69
N GLY C 97 -14.29 3.50 -10.73
CA GLY C 97 -15.02 3.43 -9.48
C GLY C 97 -16.16 2.43 -9.46
N ILE C 98 -16.53 1.86 -10.61
CA ILE C 98 -17.57 0.84 -10.62
C ILE C 98 -17.12 -0.38 -9.82
N LEU C 99 -18.03 -0.91 -9.01
CA LEU C 99 -17.80 -2.09 -8.18
C LEU C 99 -18.67 -3.22 -8.73
N SER C 100 -18.04 -4.36 -9.04
CA SER C 100 -18.68 -5.42 -9.79
C SER C 100 -18.18 -6.77 -9.31
N MET C 101 -18.96 -7.83 -9.54
CA MET C 101 -18.62 -9.16 -9.08
C MET C 101 -17.69 -9.89 -10.05
N ALA C 102 -16.61 -10.46 -9.52
CA ALA C 102 -15.84 -11.42 -10.29
C ALA C 102 -16.59 -12.74 -10.33
N ASN C 103 -16.27 -13.59 -11.32
CA ASN C 103 -16.95 -14.86 -11.38
C ASN C 103 -16.17 -15.81 -12.28
N ALA C 104 -16.61 -17.07 -12.29
CA ALA C 104 -16.03 -18.12 -13.10
C ALA C 104 -16.99 -18.56 -14.20
N GLY C 105 -17.79 -17.63 -14.71
CA GLY C 105 -18.82 -17.94 -15.67
C GLY C 105 -20.18 -17.67 -15.05
N PRO C 106 -21.24 -17.97 -15.80
CA PRO C 106 -22.58 -17.64 -15.33
C PRO C 106 -22.92 -18.24 -13.97
N ASN C 107 -23.56 -17.42 -13.13
CA ASN C 107 -24.14 -17.86 -11.87
C ASN C 107 -23.11 -18.50 -10.94
N THR C 108 -21.95 -17.85 -10.81
CA THR C 108 -20.89 -18.35 -9.92
C THR C 108 -20.38 -17.24 -9.00
N ASN C 109 -21.26 -16.36 -8.54
CA ASN C 109 -20.84 -15.27 -7.66
C ASN C 109 -20.54 -15.82 -6.28
N GLY C 110 -19.42 -15.38 -5.71
CA GLY C 110 -19.03 -15.78 -4.38
C GLY C 110 -18.74 -14.56 -3.54
N SER C 111 -17.47 -14.26 -3.34
CA SER C 111 -17.04 -13.05 -2.67
C SER C 111 -16.09 -12.20 -3.50
N GLN C 112 -15.44 -12.75 -4.51
CA GLN C 112 -14.50 -11.92 -5.27
C GLN C 112 -15.22 -10.82 -6.03
N PHE C 113 -14.56 -9.67 -6.11
CA PHE C 113 -15.11 -8.45 -6.69
C PHE C 113 -13.97 -7.72 -7.37
N PHE C 114 -14.33 -6.71 -8.15
CA PHE C 114 -13.32 -5.82 -8.71
C PHE C 114 -13.84 -4.39 -8.70
N ILE C 115 -12.89 -3.47 -8.59
CA ILE C 115 -13.14 -2.04 -8.67
C ILE C 115 -12.52 -1.57 -9.98
N CYS C 116 -13.36 -1.09 -10.90
CA CYS C 116 -12.84 -0.62 -12.18
C CYS C 116 -12.03 0.65 -11.99
N THR C 117 -10.95 0.78 -12.76
CA THR C 117 -10.20 2.03 -12.84
C THR C 117 -10.40 2.70 -14.18
N ALA C 118 -11.27 2.15 -15.01
CA ALA C 118 -11.57 2.65 -16.34
C ALA C 118 -12.89 2.04 -16.75
N LYS C 119 -13.44 2.54 -17.85
CA LYS C 119 -14.62 1.93 -18.44
C LYS C 119 -14.25 0.56 -19.02
N THR C 120 -14.96 -0.48 -18.60
CA THR C 120 -14.70 -1.85 -19.05
C THR C 120 -15.99 -2.45 -19.64
N GLU C 121 -16.44 -1.86 -20.75
CA GLU C 121 -17.79 -2.13 -21.24
C GLU C 121 -17.98 -3.55 -21.75
N TRP C 122 -16.90 -4.23 -22.18
CA TRP C 122 -17.00 -5.61 -22.63
C TRP C 122 -17.36 -6.57 -21.51
N LEU C 123 -17.35 -6.11 -20.25
CA LEU C 123 -17.80 -6.92 -19.13
C LEU C 123 -19.30 -6.80 -18.88
N ASP C 124 -19.97 -5.84 -19.54
CA ASP C 124 -21.41 -5.67 -19.36
C ASP C 124 -22.15 -6.93 -19.74
N GLY C 125 -23.11 -7.32 -18.92
CA GLY C 125 -23.88 -8.51 -19.16
C GLY C 125 -23.19 -9.80 -18.80
N LYS C 126 -21.97 -9.73 -18.28
CA LYS C 126 -21.25 -10.90 -17.80
C LYS C 126 -20.92 -10.82 -16.32
N HIS C 127 -20.66 -9.64 -15.80
CA HIS C 127 -20.37 -9.41 -14.40
C HIS C 127 -21.44 -8.49 -13.83
N VAL C 128 -21.95 -8.84 -12.65
CA VAL C 128 -23.01 -8.07 -12.02
C VAL C 128 -22.41 -6.84 -11.32
N VAL C 129 -22.74 -5.66 -11.82
CA VAL C 129 -22.37 -4.39 -11.20
C VAL C 129 -23.34 -4.11 -10.06
N PHE C 130 -22.81 -3.70 -8.91
CA PHE C 130 -23.64 -3.53 -7.73
C PHE C 130 -23.26 -2.35 -6.86
N GLY C 131 -22.23 -1.58 -7.23
CA GLY C 131 -21.86 -0.46 -6.39
C GLY C 131 -20.96 0.50 -7.13
N LYS C 132 -20.55 1.56 -6.42
CA LYS C 132 -19.64 2.55 -6.98
CA LYS C 132 -19.62 2.52 -6.98
C LYS C 132 -18.87 3.21 -5.85
N VAL C 133 -17.60 3.51 -6.09
CA VAL C 133 -16.82 4.27 -5.13
C VAL C 133 -17.49 5.60 -4.88
N LYS C 134 -17.63 5.96 -3.61
CA LYS C 134 -18.21 7.22 -3.17
C LYS C 134 -17.13 8.22 -2.78
N GLU C 135 -16.28 7.85 -1.82
CA GLU C 135 -15.11 8.63 -1.45
C GLU C 135 -13.86 7.76 -1.59
N GLY C 136 -12.73 8.40 -1.85
CA GLY C 136 -11.47 7.68 -1.92
C GLY C 136 -11.11 7.09 -3.26
N MET C 137 -11.67 7.61 -4.36
CA MET C 137 -11.20 7.16 -5.67
C MET C 137 -9.70 7.37 -5.85
N ASN C 138 -9.15 8.41 -5.21
CA ASN C 138 -7.69 8.62 -5.32
C ASN C 138 -6.93 7.46 -4.68
N ILE C 139 -7.51 6.80 -3.68
CA ILE C 139 -6.87 5.62 -3.09
C ILE C 139 -6.87 4.47 -4.10
N VAL C 140 -7.97 4.28 -4.81
CA VAL C 140 -8.02 3.25 -5.85
C VAL C 140 -7.00 3.55 -6.94
N GLU C 141 -6.88 4.82 -7.34
CA GLU C 141 -5.86 5.20 -8.31
C GLU C 141 -4.47 4.86 -7.78
N ALA C 142 -4.23 5.12 -6.49
CA ALA C 142 -2.94 4.79 -5.88
C ALA C 142 -2.70 3.28 -5.86
N MET C 143 -3.74 2.50 -5.55
CA MET C 143 -3.63 1.04 -5.59
C MET C 143 -3.27 0.60 -7.00
N GLU C 144 -3.97 1.15 -7.99
CA GLU C 144 -3.72 0.79 -9.38
C GLU C 144 -2.25 0.94 -9.74
N ARG C 145 -1.55 1.89 -9.11
CA ARG C 145 -0.14 2.10 -9.41
C ARG C 145 0.78 0.99 -8.93
N PHE C 146 0.32 0.09 -8.07
CA PHE C 146 1.13 -1.05 -7.63
C PHE C 146 0.92 -2.31 -8.44
N GLY C 147 0.13 -2.24 -9.52
CA GLY C 147 -0.17 -3.40 -10.32
C GLY C 147 0.82 -3.61 -11.44
N SER C 148 0.47 -4.55 -12.31
CA SER C 148 1.33 -4.92 -13.42
C SER C 148 0.48 -5.54 -14.51
N ARG C 149 1.12 -5.83 -15.63
CA ARG C 149 0.39 -6.31 -16.80
C ARG C 149 -0.38 -7.60 -16.51
N ASN C 150 0.20 -8.53 -15.76
CA ASN C 150 -0.51 -9.77 -15.46
C ASN C 150 -1.24 -9.72 -14.12
N GLY C 151 -1.17 -8.58 -13.42
CA GLY C 151 -1.92 -8.38 -12.20
C GLY C 151 -1.14 -8.56 -10.91
N LYS C 152 0.06 -9.14 -10.96
CA LYS C 152 0.83 -9.25 -9.72
C LYS C 152 1.17 -7.87 -9.20
N THR C 153 1.15 -7.72 -7.88
CA THR C 153 1.39 -6.41 -7.28
C THR C 153 2.83 -6.32 -6.75
N SER C 154 3.39 -5.10 -6.79
CA SER C 154 4.76 -4.90 -6.37
C SER C 154 4.88 -4.70 -4.87
N LYS C 155 3.77 -4.43 -4.21
CA LYS C 155 3.66 -4.44 -2.76
C LYS C 155 2.33 -5.10 -2.42
N LYS C 156 2.22 -5.58 -1.19
CA LYS C 156 1.01 -6.26 -0.76
C LYS C 156 -0.07 -5.24 -0.44
N ILE C 157 -1.21 -5.34 -1.11
CA ILE C 157 -2.31 -4.39 -0.97
C ILE C 157 -3.41 -5.13 -0.20
N THR C 158 -3.68 -4.70 1.03
CA THR C 158 -4.62 -5.42 1.89
C THR C 158 -5.76 -4.53 2.36
N ILE C 159 -6.85 -5.19 2.75
CA ILE C 159 -7.98 -4.54 3.42
C ILE C 159 -7.68 -4.66 4.91
N ALA C 160 -7.05 -3.63 5.47
CA ALA C 160 -6.68 -3.65 6.87
C ALA C 160 -7.91 -3.62 7.78
N ASP C 161 -8.96 -2.91 7.37
CA ASP C 161 -10.20 -2.86 8.12
C ASP C 161 -11.32 -2.61 7.13
N CYS C 162 -12.54 -2.95 7.53
CA CYS C 162 -13.70 -2.69 6.66
C CYS C 162 -14.96 -2.76 7.52
N GLY C 163 -16.03 -2.17 7.01
CA GLY C 163 -17.26 -2.12 7.76
C GLY C 163 -18.29 -1.27 7.05
N GLN C 164 -19.37 -0.99 7.76
CA GLN C 164 -20.51 -0.27 7.19
C GLN C 164 -20.58 1.14 7.78
N LEU C 165 -20.86 2.12 6.93
CA LEU C 165 -21.00 3.52 7.34
C LEU C 165 -22.45 3.99 7.36
N GLU C 166 -23.26 3.55 6.41
CA GLU C 166 -24.65 3.97 6.27
C GLU C 166 -25.48 2.77 5.83
N ASN D 4 -0.79 34.10 -12.44
CA ASN D 4 -0.83 33.45 -11.14
C ASN D 4 -1.89 34.07 -10.24
N PRO D 5 -2.71 33.24 -9.60
CA PRO D 5 -3.74 33.75 -8.71
C PRO D 5 -3.13 34.26 -7.41
N THR D 6 -3.89 35.13 -6.74
CA THR D 6 -3.54 35.66 -5.42
CA THR D 6 -3.53 35.63 -5.42
C THR D 6 -4.67 35.37 -4.45
N VAL D 7 -4.32 34.98 -3.23
CA VAL D 7 -5.30 34.73 -2.19
C VAL D 7 -4.91 35.53 -0.95
N PHE D 8 -5.88 35.71 -0.05
CA PHE D 8 -5.63 36.45 1.18
C PHE D 8 -6.09 35.64 2.39
N PHE D 9 -5.41 35.88 3.51
CA PHE D 9 -5.84 35.48 4.84
C PHE D 9 -5.93 36.73 5.68
N ASP D 10 -7.06 36.92 6.37
CA ASP D 10 -7.18 37.91 7.43
C ASP D 10 -6.89 37.20 8.75
N ILE D 11 -5.81 37.61 9.42
CA ILE D 11 -5.33 36.93 10.63
C ILE D 11 -5.91 37.61 11.85
N ALA D 12 -6.32 36.82 12.83
CA ALA D 12 -6.80 37.33 14.11
C ALA D 12 -6.03 36.66 15.24
N VAL D 13 -5.92 37.37 16.36
CA VAL D 13 -5.20 36.90 17.54
C VAL D 13 -6.20 36.92 18.69
N ASP D 14 -6.59 35.74 19.17
CA ASP D 14 -7.66 35.63 20.17
C ASP D 14 -8.89 36.42 19.74
N GLY D 15 -9.21 36.34 18.45
CA GLY D 15 -10.38 36.98 17.88
C GLY D 15 -10.23 38.45 17.56
N GLU D 16 -9.08 39.06 17.86
CA GLU D 16 -8.90 40.47 17.51
C GLU D 16 -8.11 40.61 16.22
N PRO D 17 -8.51 41.50 15.32
CA PRO D 17 -7.84 41.56 14.01
C PRO D 17 -6.39 41.92 14.16
N LEU D 18 -5.53 41.22 13.43
CA LEU D 18 -4.13 41.58 13.30
C LEU D 18 -3.83 42.23 11.94
N GLY D 19 -4.20 41.56 10.85
CA GLY D 19 -4.06 42.15 9.54
C GLY D 19 -4.15 41.10 8.47
N ARG D 20 -3.98 41.54 7.23
CA ARG D 20 -4.12 40.67 6.06
C ARG D 20 -2.78 40.29 5.48
N VAL D 21 -2.62 39.00 5.18
CA VAL D 21 -1.48 38.50 4.41
C VAL D 21 -2.03 38.02 3.07
N SER D 22 -1.37 38.40 1.98
CA SER D 22 -1.74 37.86 0.69
C SER D 22 -0.59 37.07 0.11
N PHE D 23 -0.93 36.14 -0.79
CA PHE D 23 0.04 35.21 -1.35
C PHE D 23 -0.13 35.16 -2.85
N GLU D 24 0.99 35.12 -3.56
CA GLU D 24 1.00 34.71 -4.95
C GLU D 24 1.15 33.19 -4.99
N LEU D 25 0.31 32.52 -5.76
CA LEU D 25 0.36 31.06 -5.91
C LEU D 25 0.94 30.76 -7.28
N PHE D 26 2.00 29.96 -7.32
CA PHE D 26 2.76 29.71 -8.54
C PHE D 26 2.09 28.65 -9.40
N ALA D 27 0.88 28.96 -9.88
CA ALA D 27 0.17 28.04 -10.77
C ALA D 27 0.94 27.75 -12.04
N ASP D 28 1.83 28.67 -12.46
CA ASP D 28 2.62 28.48 -13.66
C ASP D 28 3.69 27.39 -13.51
N LYS D 29 4.09 27.08 -12.28
CA LYS D 29 5.09 26.05 -12.03
C LYS D 29 4.58 24.85 -11.27
N VAL D 30 3.58 25.00 -10.41
CA VAL D 30 3.00 23.91 -9.63
C VAL D 30 1.48 24.05 -9.67
N PRO D 31 0.85 23.78 -10.82
CA PRO D 31 -0.59 24.10 -10.93
C PRO D 31 -1.50 23.31 -10.00
N LYS D 32 -1.26 22.01 -9.83
CA LYS D 32 -2.14 21.21 -8.98
C LYS D 32 -2.08 21.66 -7.53
N THR D 33 -0.87 21.98 -7.06
CA THR D 33 -0.67 22.38 -5.67
C THR D 33 -1.20 23.78 -5.44
N ALA D 34 -0.96 24.69 -6.39
CA ALA D 34 -1.53 26.02 -6.30
C ALA D 34 -3.06 25.97 -6.29
N GLU D 35 -3.64 25.12 -7.16
CA GLU D 35 -5.09 25.03 -7.21
C GLU D 35 -5.68 24.54 -5.91
N ASN D 36 -5.05 23.54 -5.28
CA ASN D 36 -5.52 23.06 -3.98
C ASN D 36 -5.61 24.21 -2.97
N PHE D 37 -4.53 24.97 -2.83
CA PHE D 37 -4.52 26.07 -1.87
C PHE D 37 -5.54 27.13 -2.23
N ARG D 38 -5.68 27.42 -3.53
CA ARG D 38 -6.66 28.41 -3.97
C ARG D 38 -8.07 28.00 -3.59
N ALA D 39 -8.45 26.76 -3.92
CA ALA D 39 -9.81 26.30 -3.62
C ALA D 39 -10.04 26.19 -2.12
N LEU D 40 -9.02 25.81 -1.34
CA LEU D 40 -9.19 25.75 0.10
C LEU D 40 -9.34 27.15 0.68
N SER D 41 -8.72 28.14 0.06
CA SER D 41 -8.85 29.53 0.51
C SER D 41 -10.23 30.11 0.20
N THR D 42 -10.87 29.68 -0.89
CA THR D 42 -12.23 30.16 -1.17
C THR D 42 -13.29 29.36 -0.44
N GLY D 43 -13.00 28.13 -0.02
CA GLY D 43 -14.00 27.25 0.54
C GLY D 43 -14.94 26.65 -0.47
N GLU D 44 -14.63 26.77 -1.76
CA GLU D 44 -15.62 26.44 -2.80
C GLU D 44 -15.97 24.95 -2.85
N LYS D 45 -15.13 24.07 -2.32
CA LYS D 45 -15.49 22.65 -2.28
C LYS D 45 -16.38 22.31 -1.10
N GLY D 46 -16.70 23.28 -0.24
CA GLY D 46 -17.48 23.03 0.95
C GLY D 46 -16.67 22.89 2.22
N PHE D 47 -15.36 23.09 2.13
CA PHE D 47 -14.46 23.01 3.28
C PHE D 47 -13.24 23.84 2.93
N GLY D 48 -12.47 24.23 3.95
CA GLY D 48 -11.28 25.00 3.66
C GLY D 48 -10.75 25.71 4.88
N TYR D 49 -9.86 26.68 4.61
CA TYR D 49 -9.03 27.26 5.66
C TYR D 49 -9.78 28.19 6.62
N LYS D 50 -10.89 28.78 6.21
CA LYS D 50 -11.53 29.79 7.05
C LYS D 50 -11.85 29.23 8.42
N GLY D 51 -11.44 29.95 9.47
CA GLY D 51 -11.70 29.55 10.83
C GLY D 51 -10.62 28.69 11.44
N SER D 52 -9.68 28.18 10.64
CA SER D 52 -8.63 27.32 11.15
C SER D 52 -7.50 28.17 11.76
N CYS D 53 -6.61 27.52 12.48
CA CYS D 53 -5.58 28.22 13.22
C CYS D 53 -4.19 27.84 12.71
N PHE D 54 -3.22 28.65 13.13
CA PHE D 54 -1.81 28.28 13.01
C PHE D 54 -1.43 27.54 14.28
N HIS D 55 -1.27 26.22 14.16
CA HIS D 55 -1.06 25.39 15.33
C HIS D 55 0.41 25.27 15.71
N ARG D 56 1.32 25.72 14.86
CA ARG D 56 2.75 25.56 15.17
C ARG D 56 3.48 26.78 14.64
N ILE D 57 3.99 27.61 15.55
CA ILE D 57 4.73 28.81 15.20
C ILE D 57 6.05 28.73 15.94
N ILE D 58 7.14 28.57 15.20
CA ILE D 58 8.49 28.47 15.77
C ILE D 58 9.30 29.65 15.27
N PRO D 59 9.52 30.66 16.11
CA PRO D 59 10.29 31.83 15.69
C PRO D 59 11.67 31.41 15.20
N GLY D 60 12.09 32.06 14.12
CA GLY D 60 13.32 31.70 13.46
C GLY D 60 13.16 30.70 12.34
N PHE D 61 11.97 30.11 12.20
CA PHE D 61 11.77 29.04 11.22
C PHE D 61 10.51 29.23 10.39
N MET D 62 9.32 29.04 10.98
CA MET D 62 8.12 29.07 10.14
C MET D 62 6.87 29.15 10.99
N CYS D 63 5.77 29.47 10.31
CA CYS D 63 4.42 29.44 10.86
C CYS D 63 3.63 28.41 10.06
N GLN D 64 3.09 27.39 10.73
CA GLN D 64 2.40 26.28 10.08
C GLN D 64 0.93 26.24 10.49
N GLY D 65 0.07 26.00 9.51
CA GLY D 65 -1.36 25.87 9.79
C GLY D 65 -2.05 24.99 8.77
N GLY D 66 -3.37 25.13 8.65
CA GLY D 66 -4.13 24.45 7.63
C GLY D 66 -4.93 23.25 8.06
N ASP D 67 -4.96 22.91 9.36
CA ASP D 67 -5.76 21.76 9.81
C ASP D 67 -7.17 22.25 10.11
N PHE D 68 -8.06 22.15 9.13
CA PHE D 68 -9.45 22.54 9.32
C PHE D 68 -10.37 21.37 9.63
N THR D 69 -9.85 20.15 9.77
CA THR D 69 -10.71 19.00 10.06
C THR D 69 -10.65 18.59 11.53
N ARG D 70 -9.45 18.48 12.09
CA ARG D 70 -9.30 18.09 13.48
C ARG D 70 -8.90 19.25 14.38
N HIS D 71 -8.39 20.34 13.80
CA HIS D 71 -8.02 21.53 14.56
C HIS D 71 -7.01 21.22 15.66
N ASN D 72 -6.10 20.27 15.39
CA ASN D 72 -5.06 19.96 16.36
C ASN D 72 -3.70 19.74 15.72
N GLY D 73 -3.56 19.99 14.42
CA GLY D 73 -2.30 19.79 13.76
C GLY D 73 -2.12 18.44 13.11
N THR D 74 -3.09 17.53 13.23
CA THR D 74 -2.94 16.22 12.62
C THR D 74 -3.80 16.06 11.38
N GLY D 75 -4.76 16.95 11.15
CA GLY D 75 -5.74 16.74 10.11
C GLY D 75 -5.56 17.61 8.88
N GLY D 76 -6.67 17.92 8.25
CA GLY D 76 -6.68 18.56 6.95
C GLY D 76 -6.85 17.55 5.83
N LYS D 77 -7.26 18.05 4.67
CA LYS D 77 -7.40 17.21 3.50
C LYS D 77 -7.30 18.09 2.27
N SER D 78 -6.88 17.49 1.17
CA SER D 78 -6.81 18.24 -0.07
C SER D 78 -8.15 18.19 -0.80
N ILE D 79 -8.23 18.94 -1.90
CA ILE D 79 -9.41 18.87 -2.76
C ILE D 79 -9.43 17.63 -3.63
N TYR D 80 -8.39 16.79 -3.58
CA TYR D 80 -8.27 15.63 -4.44
C TYR D 80 -8.51 14.31 -3.71
N GLY D 81 -8.76 14.37 -2.41
CA GLY D 81 -8.69 13.24 -1.53
C GLY D 81 -7.90 13.64 -0.30
N GLU D 82 -7.73 12.67 0.60
CA GLU D 82 -7.04 12.99 1.84
C GLU D 82 -5.65 13.56 1.56
N LYS D 83 -4.90 12.92 0.67
CA LYS D 83 -3.53 13.31 0.36
C LYS D 83 -3.32 13.26 -1.14
N PHE D 84 -2.31 13.99 -1.63
CA PHE D 84 -1.91 13.94 -3.03
C PHE D 84 -0.39 13.98 -3.16
N GLU D 85 0.08 13.64 -4.36
CA GLU D 85 1.51 13.43 -4.58
CA GLU D 85 1.50 13.44 -4.59
C GLU D 85 2.26 14.76 -4.64
N ASP D 86 3.58 14.66 -4.46
CA ASP D 86 4.46 15.80 -4.62
C ASP D 86 4.54 16.17 -6.10
N GLU D 87 4.06 17.36 -6.44
CA GLU D 87 3.97 17.74 -7.85
C GLU D 87 5.35 17.92 -8.47
N ASN D 88 6.20 18.72 -7.84
CA ASN D 88 7.61 18.85 -8.22
C ASN D 88 8.32 19.56 -7.07
N PHE D 89 9.65 19.55 -7.13
CA PHE D 89 10.49 20.25 -6.16
C PHE D 89 11.34 21.31 -6.84
N ILE D 90 10.76 21.97 -7.85
CA ILE D 90 11.52 22.97 -8.60
C ILE D 90 11.93 24.12 -7.70
N LEU D 91 11.00 24.65 -6.92
CA LEU D 91 11.25 25.83 -6.12
C LEU D 91 11.81 25.47 -4.74
N LYS D 92 12.62 26.38 -4.21
CA LYS D 92 13.36 26.12 -2.99
C LYS D 92 12.93 27.06 -1.86
N HIS D 93 13.28 26.66 -0.63
CA HIS D 93 12.95 27.44 0.56
C HIS D 93 14.06 28.47 0.77
N THR D 94 13.97 29.55 0.00
CA THR D 94 15.08 30.47 -0.14
C THR D 94 15.16 31.54 0.95
N GLY D 95 14.08 31.81 1.67
CA GLY D 95 14.06 32.87 2.65
C GLY D 95 12.67 33.14 3.17
N PRO D 96 12.54 34.21 3.93
CA PRO D 96 11.24 34.56 4.53
C PRO D 96 10.17 34.75 3.46
N GLY D 97 8.96 34.28 3.75
CA GLY D 97 7.83 34.49 2.89
C GLY D 97 7.49 33.33 2.00
N ILE D 98 8.37 32.34 1.89
CA ILE D 98 8.08 31.18 1.06
C ILE D 98 6.90 30.40 1.65
N LEU D 99 5.96 30.00 0.78
CA LEU D 99 4.80 29.21 1.14
C LEU D 99 4.97 27.80 0.58
N SER D 100 4.85 26.79 1.44
CA SER D 100 5.24 25.43 1.10
C SER D 100 4.30 24.46 1.81
N MET D 101 4.21 23.23 1.28
CA MET D 101 3.30 22.23 1.82
C MET D 101 3.92 21.46 2.98
N ALA D 102 3.16 21.34 4.06
CA ALA D 102 3.51 20.37 5.10
C ALA D 102 3.20 18.96 4.59
N ASN D 103 3.82 17.96 5.22
CA ASN D 103 3.51 16.58 4.81
C ASN D 103 3.95 15.61 5.90
N ALA D 104 3.58 14.35 5.67
CA ALA D 104 3.92 13.22 6.53
C ALA D 104 4.93 12.29 5.86
N GLY D 105 5.78 12.83 5.00
CA GLY D 105 6.64 12.02 4.15
C GLY D 105 6.30 12.19 2.69
N PRO D 106 6.98 11.44 1.83
CA PRO D 106 6.73 11.57 0.39
C PRO D 106 5.27 11.36 0.01
N ASN D 107 4.78 12.24 -0.87
CA ASN D 107 3.48 12.07 -1.51
C ASN D 107 2.33 12.04 -0.51
N THR D 108 2.36 12.96 0.45
CA THR D 108 1.32 13.02 1.50
C THR D 108 0.85 14.44 1.72
N ASN D 109 0.73 15.23 0.65
CA ASN D 109 0.22 16.59 0.77
C ASN D 109 -1.28 16.57 1.05
N GLY D 110 -1.73 17.42 1.97
CA GLY D 110 -3.14 17.54 2.26
C GLY D 110 -3.57 18.97 2.14
N SER D 111 -3.87 19.60 3.28
CA SER D 111 -4.10 21.04 3.33
C SER D 111 -3.09 21.80 4.17
N GLN D 112 -2.36 21.13 5.06
CA GLN D 112 -1.43 21.86 5.90
C GLN D 112 -0.29 22.48 5.10
N PHE D 113 0.12 23.67 5.52
CA PHE D 113 1.11 24.47 4.80
C PHE D 113 1.95 25.18 5.84
N PHE D 114 3.06 25.76 5.39
CA PHE D 114 3.83 26.61 6.27
C PHE D 114 4.36 27.81 5.50
N ILE D 115 4.58 28.91 6.24
CA ILE D 115 5.18 30.13 5.71
C ILE D 115 6.54 30.27 6.39
N CYS D 116 7.61 30.27 5.60
CA CYS D 116 8.93 30.41 6.16
C CYS D 116 9.14 31.83 6.70
N THR D 117 9.83 31.93 7.82
CA THR D 117 10.29 33.22 8.31
C THR D 117 11.81 33.34 8.25
N ALA D 118 12.47 32.37 7.63
CA ALA D 118 13.91 32.33 7.40
C ALA D 118 14.15 31.31 6.29
N LYS D 119 15.38 31.30 5.77
CA LYS D 119 15.79 30.26 4.83
C LYS D 119 15.81 28.92 5.54
N THR D 120 15.20 27.90 4.92
CA THR D 120 15.13 26.54 5.49
C THR D 120 15.54 25.53 4.42
N GLU D 121 16.80 25.57 4.02
CA GLU D 121 17.22 24.83 2.83
C GLU D 121 17.17 23.31 3.01
N TRP D 122 17.24 22.81 4.25
CA TRP D 122 17.17 21.37 4.47
C TRP D 122 15.79 20.81 4.17
N LEU D 123 14.79 21.67 3.94
CA LEU D 123 13.48 21.23 3.51
C LEU D 123 13.37 21.11 1.99
N ASP D 124 14.35 21.62 1.25
CA ASP D 124 14.33 21.53 -0.20
C ASP D 124 14.30 20.07 -0.63
N GLY D 125 13.44 19.76 -1.60
CA GLY D 125 13.32 18.40 -2.06
C GLY D 125 12.47 17.51 -1.19
N LYS D 126 11.97 18.02 -0.07
CA LYS D 126 11.07 17.29 0.81
C LYS D 126 9.70 17.93 0.91
N HIS D 127 9.61 19.24 0.75
CA HIS D 127 8.34 19.97 0.80
C HIS D 127 8.17 20.76 -0.49
N VAL D 128 6.96 20.71 -1.04
CA VAL D 128 6.67 21.37 -2.31
C VAL D 128 6.39 22.85 -2.05
N VAL D 129 7.28 23.70 -2.55
CA VAL D 129 7.10 25.15 -2.53
C VAL D 129 6.16 25.54 -3.65
N PHE D 130 5.14 26.34 -3.33
CA PHE D 130 4.13 26.66 -4.34
C PHE D 130 3.65 28.09 -4.31
N GLY D 131 4.22 28.97 -3.48
CA GLY D 131 3.80 30.35 -3.48
C GLY D 131 4.71 31.16 -2.60
N LYS D 132 4.34 32.44 -2.44
CA LYS D 132 5.08 33.30 -1.54
C LYS D 132 4.16 34.40 -1.02
N VAL D 133 4.52 34.97 0.13
CA VAL D 133 3.83 36.16 0.62
C VAL D 133 4.03 37.29 -0.36
N LYS D 134 2.92 37.94 -0.74
CA LYS D 134 2.93 39.12 -1.60
C LYS D 134 2.88 40.39 -0.77
N GLU D 135 1.82 40.55 0.02
CA GLU D 135 1.67 41.67 0.93
C GLU D 135 1.49 41.15 2.35
N GLY D 136 1.89 41.95 3.32
CA GLY D 136 1.63 41.60 4.70
C GLY D 136 2.67 40.72 5.37
N MET D 137 3.91 40.70 4.88
CA MET D 137 4.95 39.98 5.60
C MET D 137 5.12 40.52 7.03
N ASN D 138 4.86 41.80 7.27
N ASN D 138 4.86 41.81 7.24
CA ASN D 138 4.98 42.27 8.65
CA ASN D 138 4.88 42.37 8.59
C ASN D 138 3.91 41.66 9.55
C ASN D 138 3.95 41.60 9.52
N ILE D 139 2.81 41.15 8.99
CA ILE D 139 1.86 40.38 9.79
C ILE D 139 2.48 39.04 10.21
N VAL D 140 3.11 38.35 9.26
CA VAL D 140 3.75 37.07 9.57
C VAL D 140 4.85 37.28 10.61
N GLU D 141 5.63 38.35 10.47
CA GLU D 141 6.64 38.63 11.47
C GLU D 141 6.00 38.87 12.84
N ALA D 142 4.85 39.55 12.86
CA ALA D 142 4.17 39.83 14.11
C ALA D 142 3.58 38.57 14.75
N MET D 143 3.28 37.55 13.94
CA MET D 143 2.76 36.30 14.48
C MET D 143 3.80 35.55 15.28
N GLU D 144 5.08 35.78 15.01
CA GLU D 144 6.12 34.96 15.64
C GLU D 144 6.10 35.07 17.16
N ARG D 145 5.73 36.23 17.71
CA ARG D 145 5.85 36.31 19.16
C ARG D 145 4.82 35.46 19.89
N PHE D 146 3.81 34.96 19.18
CA PHE D 146 2.85 34.07 19.81
C PHE D 146 3.27 32.61 19.75
N GLY D 147 4.43 32.31 19.16
CA GLY D 147 4.95 30.97 19.14
C GLY D 147 5.97 30.70 20.23
N SER D 148 6.73 29.63 20.04
CA SER D 148 7.67 29.18 21.05
C SER D 148 8.60 28.16 20.42
N ARG D 149 9.58 27.70 21.20
CA ARG D 149 10.60 26.78 20.68
C ARG D 149 9.98 25.51 20.09
N ASN D 150 8.98 24.92 20.75
CA ASN D 150 8.36 23.72 20.21
C ASN D 150 7.14 24.01 19.36
N GLY D 151 6.79 25.27 19.17
CA GLY D 151 5.74 25.68 18.27
C GLY D 151 4.40 25.96 18.90
N LYS D 152 4.19 25.55 20.16
CA LYS D 152 2.92 25.81 20.81
C LYS D 152 2.67 27.31 20.87
N THR D 153 1.45 27.72 20.60
CA THR D 153 1.11 29.13 20.59
C THR D 153 0.49 29.57 21.90
N SER D 154 0.75 30.83 22.28
CA SER D 154 0.29 31.38 23.54
C SER D 154 -1.02 32.14 23.42
N LYS D 155 -1.46 32.39 22.20
CA LYS D 155 -2.79 32.90 21.88
C LYS D 155 -3.24 32.18 20.63
N LYS D 156 -4.55 32.16 20.40
CA LYS D 156 -5.12 31.49 19.25
C LYS D 156 -4.94 32.37 18.01
N ILE D 157 -4.16 31.89 17.04
CA ILE D 157 -3.84 32.63 15.83
C ILE D 157 -4.69 32.02 14.72
N THR D 158 -5.68 32.75 14.25
CA THR D 158 -6.66 32.15 13.35
C THR D 158 -6.73 32.89 12.02
N ILE D 159 -7.20 32.14 11.02
CA ILE D 159 -7.55 32.68 9.72
C ILE D 159 -9.02 33.07 9.85
N ALA D 160 -9.27 34.33 10.24
CA ALA D 160 -10.63 34.78 10.47
C ALA D 160 -11.42 34.83 9.18
N ASP D 161 -10.75 35.16 8.07
CA ASP D 161 -11.38 35.15 6.77
C ASP D 161 -10.30 34.85 5.75
N CYS D 162 -10.72 34.36 4.59
CA CYS D 162 -9.78 34.06 3.52
C CYS D 162 -10.56 33.96 2.22
N GLY D 163 -9.84 34.16 1.12
CA GLY D 163 -10.48 34.09 -0.17
C GLY D 163 -9.50 34.40 -1.26
N GLN D 164 -10.04 34.61 -2.45
CA GLN D 164 -9.26 34.90 -3.64
C GLN D 164 -9.45 36.37 -4.00
N LEU D 165 -8.35 37.02 -4.38
CA LEU D 165 -8.36 38.40 -4.82
C LEU D 165 -8.44 38.45 -6.35
N GLU D 166 -8.96 39.57 -6.85
CA GLU D 166 -9.07 39.78 -8.29
C GLU D 166 -7.71 39.76 -8.98
PG GNP E . 7.75 10.78 16.70
O1G GNP E . 7.28 11.81 17.69
O2G GNP E . 9.17 10.34 16.95
O3G GNP E . 7.52 11.28 15.27
N3B GNP E . 6.78 9.37 16.85
PB GNP E . 6.43 8.64 18.29
O1B GNP E . 6.13 9.61 19.41
O2B GNP E . 7.48 7.62 18.67
O3A GNP E . 5.09 7.76 17.96
PA GNP E . 3.58 8.08 18.44
O1A GNP E . 3.09 9.34 17.83
O2A GNP E . 3.50 7.86 19.95
O5' GNP E . 2.86 6.85 17.79
C5' GNP E . 2.99 6.56 16.38
C4' GNP E . 1.77 5.79 15.93
O4' GNP E . 1.75 4.51 16.58
C3' GNP E . 0.43 6.45 16.25
O3' GNP E . -0.54 6.14 15.25
C2' GNP E . 0.05 5.80 17.57
O2' GNP E . -1.36 5.83 17.78
C1' GNP E . 0.56 4.38 17.35
N9 GNP E . 0.91 3.70 18.60
C8 GNP E . 1.75 4.15 19.60
N7 GNP E . 1.88 3.29 20.58
C5 GNP E . 1.09 2.23 20.21
C6 GNP E . 0.81 0.97 20.87
O6 GNP E . 1.25 0.60 21.96
N1 GNP E . -0.05 0.17 20.14
C2 GNP E . -0.57 0.50 18.93
N2 GNP E . -1.38 -0.40 18.35
N3 GNP E . -0.33 1.65 18.30
C4 GNP E . 0.50 2.46 18.99
MG MG F . 6.23 11.66 19.39
C1 BTB G . 2.88 18.67 20.91
O1 BTB G . 2.85 19.75 21.81
C2 BTB G . 3.39 19.09 19.52
C3 BTB G . 4.87 19.54 19.68
O3 BTB G . 5.78 18.51 19.99
C4 BTB G . 3.43 17.86 18.58
O4 BTB G . 3.97 18.21 17.33
N BTB G . 2.62 20.17 18.88
C5 BTB G . 2.87 21.55 19.33
C6 BTB G . 3.22 22.57 18.25
O6 BTB G . 4.37 22.14 17.53
C7 BTB G . 1.20 19.90 18.65
C8 BTB G . 0.55 20.67 17.52
O8 BTB G . 1.40 20.62 16.39
PG GNP H . -6.73 -20.98 -18.91
O1G GNP H . -5.53 -20.40 -18.27
O2G GNP H . -6.73 -20.79 -20.41
O3G GNP H . -7.98 -20.38 -18.29
N3B GNP H . -6.83 -22.65 -18.60
PB GNP H . -5.58 -23.71 -18.75
O1B GNP H . -4.29 -23.13 -18.24
O2B GNP H . -5.50 -24.28 -20.14
O3A GNP H . -6.03 -24.96 -17.80
PA GNP H . -5.38 -25.41 -16.41
O1A GNP H . -5.64 -24.37 -15.38
O2A GNP H . -3.95 -25.85 -16.62
O5' GNP H . -6.23 -26.71 -16.13
C5' GNP H . -7.68 -26.67 -16.08
C4' GNP H . -8.16 -27.73 -15.14
O4' GNP H . -7.83 -29.03 -15.67
C3' GNP H . -7.57 -27.69 -13.73
O3' GNP H . -8.56 -28.13 -12.81
C2' GNP H . -6.42 -28.71 -13.82
O2' GNP H . -6.12 -29.30 -12.57
C1' GNP H . -7.02 -29.74 -14.76
N9 GNP H . -6.01 -30.47 -15.54
C8 GNP H . -5.09 -29.92 -16.37
N7 GNP H . -4.35 -30.82 -16.98
C5 GNP H . -4.84 -32.02 -16.51
C6 GNP H . -4.44 -33.38 -16.81
O6 GNP H . -3.57 -33.72 -17.59
N1 GNP H . -5.21 -34.30 -16.14
C2 GNP H . -6.22 -33.99 -15.27
N2 GNP H . -6.85 -35.03 -14.69
N3 GNP H . -6.59 -32.76 -14.99
C4 GNP H . -5.88 -31.83 -15.64
MG MG I . -3.83 -21.28 -17.55
C1 BTB J . -3.14 -16.42 -12.62
O1 BTB J . -4.28 -15.63 -12.89
C2 BTB J . -1.98 -15.46 -12.33
C3 BTB J . -0.77 -16.39 -12.04
O3 BTB J . 0.41 -15.68 -11.80
C4 BTB J . -1.65 -14.62 -13.58
O4 BTB J . -1.75 -15.38 -14.76
N BTB J . -2.32 -14.61 -11.15
C5 BTB J . -1.58 -13.36 -10.95
C6 BTB J . -2.42 -12.09 -10.87
O6 BTB J . -3.31 -12.04 -11.97
C7 BTB J . -2.46 -15.36 -9.91
C8 BTB J . -3.37 -14.66 -8.91
O8 BTB J . -4.55 -14.23 -9.58
C1 A1AHB K . -5.68 -11.49 -23.05
C10 A1AHB K . -8.87 -14.69 -16.58
C11 A1AHB K . -10.97 -13.73 -15.88
C12 A1AHB K . -12.28 -13.41 -15.21
C13 A1AHB K . -12.11 -13.24 -13.70
C14 A1AHB K . -11.72 -14.85 -11.91
C15 A1AHB K . -12.21 -16.07 -11.23
C16 A1AHB K . -11.21 -16.93 -10.52
C17 A1AHB K . -12.18 -16.14 -9.71
C18 A1AHB K . -13.31 -16.78 -8.97
C19 A1AHB K . -12.98 -12.10 -13.21
C2 A1AHB K . -5.11 -10.92 -21.78
C20 A1AHB K . -13.16 -9.59 -12.94
C21 A1AHB K . -13.23 -8.70 -14.17
C22 A1AHB K . -11.84 -8.50 -14.74
C23 A1AHB K . -11.13 -9.84 -15.00
C24 A1AHB K . -9.69 -9.57 -15.35
C25 A1AHB K . -8.27 -8.47 -16.89
C26 A1AHB K . -8.43 -7.57 -18.10
C27 A1AHB K . -7.13 -6.82 -18.34
C28 A1AHB K . -9.55 -6.56 -17.84
C29 A1AHB K . -8.82 -8.37 -19.37
C3 A1AHB K . -6.84 -11.48 -20.03
C30 A1AHB K . -7.85 -9.44 -19.80
C31 A1AHB K . -6.82 -9.32 -20.71
C32 A1AHB K . -6.47 -8.11 -21.45
C33 A1AHB K . -5.22 -7.45 -21.35
C34 A1AHB K . -5.91 -5.82 -22.86
C35 A1AHB K . -7.16 -6.41 -23.00
C36 A1AHB K . -7.42 -7.58 -22.31
C37 A1AHB K . -9.50 -6.35 -23.85
C38 A1AHB K . -10.52 -5.25 -24.03
C39 A1AHB K . -11.24 -3.50 -25.54
C4 A1AHB K . -7.87 -10.80 -19.36
C40 A1AHB K . -8.91 -3.79 -24.97
C41 A1AHB K . -7.80 -4.79 -24.79
C42 A1AHB K . -4.12 -7.94 -20.42
C43 A1AHB K . -3.56 -6.81 -19.57
C44 A1AHB K . -2.22 -9.36 -20.32
C5 A1AHB K . -8.69 -11.50 -18.47
C6 A1AHB K . -8.45 -12.85 -18.26
C7 A1AHB K . -7.41 -13.49 -18.93
C8 A1AHB K . -6.60 -12.83 -19.83
C9 A1AHB K . -9.25 -13.59 -17.27
N1 A1AHB K . -6.19 -10.56 -20.84
N2 A1AHB K . -12.43 -14.46 -12.97
N3 A1AHB K . -12.45 -10.83 -13.31
N4 A1AHB K . -11.14 -10.68 -13.81
N5 A1AHB K . -4.97 -6.33 -22.04
N6 A1AHB K . -8.12 -5.86 -23.83
N7 A1AHB K . -10.18 -4.47 -25.21
N8 A1AHB K . -10.48 -13.06 -16.89
O1 A1AHB K . -10.72 -14.25 -11.52
O2 A1AHB K . -14.09 -12.27 -12.73
O3 A1AHB K . -8.76 -9.79 -14.61
O4 A1AHB K . -9.59 -8.99 -16.54
O5 A1AHB K . -3.04 -8.53 -21.14
S1 A1AHB K . -9.99 -15.05 -15.35
C1 A1AHB L . 14.97 18.28 16.45
C10 A1AHB L . 8.00 16.85 13.20
C11 A1AHB L . 7.71 17.53 10.90
C12 A1AHB L . 7.25 17.77 9.50
C13 A1AHB L . 5.87 18.47 9.49
C14 A1AHB L . 3.62 17.63 9.95
C15 A1AHB L . 2.60 16.62 9.63
C16 A1AHB L . 1.68 16.22 10.75
C17 A1AHB L . 1.14 17.03 9.62
C18 A1AHB L . 0.18 16.46 8.61
C19 A1AHB L . 5.86 19.47 8.35
C2 A1AHB L . 14.02 19.41 16.71
C20 A1AHB L . 6.52 21.77 7.62
C21 A1AHB L . 7.97 22.17 7.53
C22 A1AHB L . 8.50 22.51 8.92
C23 A1AHB L . 8.23 21.38 9.92
C24 A1AHB L . 8.59 21.84 11.31
C25 A1AHB L . 10.36 22.63 12.67
C26 A1AHB L . 11.81 23.05 12.49
C27 A1AHB L . 12.21 23.92 13.69
C28 A1AHB L . 11.94 23.87 11.21
C29 A1AHB L . 12.74 21.82 12.38
C3 A1AHB L . 12.27 19.12 14.93
C30 A1AHB L . 12.76 20.89 13.54
C31 A1AHB L . 13.62 20.90 14.64
C32 A1AHB L . 14.71 21.86 14.86
C33 A1AHB L . 14.74 22.77 15.94
C34 A1AHB L . 16.74 23.68 15.17
C35 A1AHB L . 16.75 22.84 14.07
C36 A1AHB L . 15.74 21.90 13.93
C37 A1AHB L . 17.74 22.11 11.91
C38 A1AHB L . 18.44 22.82 10.77
C39 A1AHB L . 20.55 23.72 10.03
C4 A1AHB L . 11.90 19.76 13.73
C40 A1AHB L . 19.74 24.12 12.25
C41 A1AHB L . 19.08 23.51 13.47
C42 A1AHB L . 13.65 22.82 17.00
C43 A1AHB L . 13.18 24.23 17.26
C44 A1AHB L . 13.12 22.02 19.18
C5 A1AHB L . 10.84 19.24 12.97
C6 A1AHB L . 10.18 18.10 13.43
C7 A1AHB L . 10.57 17.50 14.62
C8 A1AHB L . 11.61 17.98 15.39
C9 A1AHB L . 9.03 17.56 12.69
N1 A1AHB L . 13.32 19.82 15.48
N2 A1AHB L . 4.80 17.50 9.32
N3 A1AHB L . 6.38 20.70 8.62
N4 A1AHB L . 6.82 21.00 9.92
N5 A1AHB L . 15.75 23.65 16.09
N6 A1AHB L . 17.79 22.87 13.17
N7 A1AHB L . 19.81 23.16 11.16
N8 A1AHB L . 8.88 17.90 11.34
O1 A1AHB L . 3.41 18.54 10.77
O2 A1AHB L . 5.44 19.20 7.24
O3 A1AHB L . 7.78 22.10 12.17
O4 A1AHB L . 9.91 21.99 11.44
O5 A1AHB L . 14.14 22.27 18.23
S1 A1AHB L . 6.72 16.73 12.07
#